data_6OED
#
_entry.id   6OED
#
_cell.length_a   73.990
_cell.length_b   74.030
_cell.length_c   75.930
_cell.angle_alpha   106.84
_cell.angle_beta   108.43
_cell.angle_gamma   91.78
#
_symmetry.space_group_name_H-M   'P 1'
#
loop_
_entity.id
_entity.type
_entity.pdbx_description
1 polymer 'CH55 Fab heavy chain'
2 polymer 'CH55 Fab light chain'
3 water water
#
loop_
_entity_poly.entity_id
_entity_poly.type
_entity_poly.pdbx_seq_one_letter_code
_entity_poly.pdbx_strand_id
1 'polypeptide(L)'
;QVQLVQSGAEVKKPGASVKVSCKASGYIFISYFMHWVRQAPGQGLEWMGIINPSSGDTRYAQKFQGRVTMTRDTSTNTVY
MELSSLRSDDTAVYYCARRPGGLERHNWLDPWGQGTLVTVSSASTKGPSVFPLAPSSKSTSGGTAALGCLVKDYFPEPVT
VSWNSGALTSGVHTFPAVLQSSGLYSLSSVVTVPSSSLGTQTYICNVNHKPSNTKVDKRVEPK
;
H,A,C
2 'polypeptide(L)'
;EIVMTQSPATLSVSPGERATLSCRASQSISSNLAWYQQKPGQAPRLLIYGASTRATGTPARFSGSGSGTEFTLTISSLQS
EDFASYYCQQYNNWPAITFGQGTRLEIKRTVAAPSVFIFPPSDEQLKSGTASVVCLLNNFYPREAKVQWKVDNALQSGNS
QESVTEQDSKDSTYSLSSTLTLSKADYEKHKVYACEVTHQGLSSPVTKSFNRGEC
;
L,B,D
#
# COMPACT_ATOMS: atom_id res chain seq x y z
N GLN A 1 -5.08 33.52 8.62
CA GLN A 1 -6.07 33.91 7.64
C GLN A 1 -6.13 32.91 6.50
N VAL A 2 -6.18 33.47 5.28
CA VAL A 2 -6.12 32.68 4.06
C VAL A 2 -4.90 31.77 4.12
N GLN A 3 -5.14 30.44 4.17
CA GLN A 3 -4.06 29.48 4.34
C GLN A 3 -4.39 28.15 3.67
N LEU A 4 -3.45 27.67 2.87
CA LEU A 4 -3.46 26.31 2.31
C LEU A 4 -2.34 25.50 2.96
N VAL A 5 -2.65 24.31 3.44
CA VAL A 5 -1.70 23.44 4.13
C VAL A 5 -1.79 22.05 3.49
N GLN A 6 -0.78 21.69 2.70
CA GLN A 6 -0.77 20.39 2.04
C GLN A 6 -0.03 19.36 2.91
N SER A 7 0.04 18.13 2.42
CA SER A 7 0.69 17.06 3.15
C SER A 7 2.21 17.14 3.01
N GLY A 8 2.91 16.21 3.64
CA GLY A 8 4.36 16.20 3.62
C GLY A 8 4.92 15.56 2.37
N ALA A 9 6.25 15.55 2.30
CA ALA A 9 6.95 14.99 1.15
C ALA A 9 6.74 13.49 1.07
N GLU A 10 6.76 12.95 -0.15
CA GLU A 10 6.51 11.54 -0.37
C GLU A 10 7.45 11.00 -1.43
N VAL A 11 7.83 9.73 -1.28
CA VAL A 11 8.70 9.05 -2.23
C VAL A 11 7.93 7.86 -2.80
N LYS A 12 7.97 7.74 -4.12
CA LYS A 12 7.17 6.81 -4.88
C LYS A 12 8.10 5.94 -5.70
N LYS A 13 7.82 4.64 -5.75
CA LYS A 13 8.48 3.85 -6.78
C LYS A 13 7.77 4.07 -8.10
N PRO A 14 8.51 4.02 -9.21
CA PRO A 14 7.92 4.29 -10.52
C PRO A 14 6.65 3.50 -10.77
N GLY A 15 5.68 4.14 -11.39
CA GLY A 15 4.43 3.50 -11.72
C GLY A 15 3.41 3.43 -10.61
N ALA A 16 3.75 3.88 -9.41
CA ALA A 16 2.78 3.92 -8.32
C ALA A 16 1.88 5.14 -8.48
N SER A 17 1.10 5.44 -7.46
CA SER A 17 0.25 6.62 -7.45
C SER A 17 0.47 7.38 -6.14
N VAL A 18 0.29 8.69 -6.19
CA VAL A 18 0.49 9.56 -5.04
C VAL A 18 -0.74 10.44 -4.87
N LYS A 19 -1.12 10.67 -3.61
CA LYS A 19 -2.30 11.45 -3.26
C LYS A 19 -1.88 12.56 -2.29
N VAL A 20 -1.95 13.80 -2.75
CA VAL A 20 -1.55 14.97 -1.96
C VAL A 20 -2.82 15.68 -1.48
N SER A 21 -2.89 15.94 -0.19
CA SER A 21 -3.98 16.71 0.39
C SER A 21 -3.66 18.20 0.35
N CYS A 22 -4.66 19.01 0.66
CA CYS A 22 -4.51 20.46 0.72
C CYS A 22 -5.69 20.99 1.54
N LYS A 23 -5.42 21.37 2.78
CA LYS A 23 -6.43 21.80 3.72
C LYS A 23 -6.52 23.31 3.73
N ALA A 24 -7.74 23.83 3.63
CA ALA A 24 -7.95 25.27 3.64
C ALA A 24 -8.30 25.75 5.04
N SER A 25 -7.98 27.02 5.30
CA SER A 25 -8.36 27.66 6.54
C SER A 25 -8.42 29.16 6.31
N GLY A 26 -9.40 29.81 6.94
CA GLY A 26 -9.52 31.25 6.90
C GLY A 26 -10.39 31.82 5.80
N TYR A 27 -11.23 31.00 5.16
CA TYR A 27 -12.18 31.48 4.17
C TYR A 27 -13.25 30.42 3.99
N ILE A 28 -14.20 30.71 3.10
CA ILE A 28 -15.33 29.82 2.86
C ILE A 28 -14.88 28.83 1.79
N PHE A 29 -14.52 27.61 2.23
CA PHE A 29 -13.96 26.59 1.35
C PHE A 29 -14.85 26.31 0.16
N ILE A 30 -16.17 26.38 0.37
CA ILE A 30 -17.14 26.01 -0.66
C ILE A 30 -17.26 27.02 -1.78
N SER A 31 -16.64 28.19 -1.66
CA SER A 31 -16.89 29.30 -2.56
C SER A 31 -15.76 29.59 -3.56
N TYR A 32 -14.61 28.92 -3.44
CA TYR A 32 -13.44 29.28 -4.23
C TYR A 32 -12.79 28.04 -4.81
N PHE A 33 -12.64 28.02 -6.14
CA PHE A 33 -12.05 26.89 -6.85
C PHE A 33 -10.62 26.64 -6.38
N MET A 34 -10.16 25.41 -6.57
CA MET A 34 -8.80 25.02 -6.21
C MET A 34 -8.06 24.55 -7.44
N HIS A 35 -6.94 25.20 -7.75
CA HIS A 35 -6.04 24.78 -8.81
C HIS A 35 -4.94 23.91 -8.25
N TRP A 36 -4.48 22.95 -9.04
CA TRP A 36 -3.25 22.24 -8.78
C TRP A 36 -2.29 22.48 -9.93
N VAL A 37 -1.08 22.94 -9.59
CA VAL A 37 0.02 23.11 -10.53
C VAL A 37 1.24 22.40 -9.95
N ARG A 38 2.26 22.23 -10.78
CA ARG A 38 3.47 21.55 -10.33
C ARG A 38 4.69 22.24 -10.92
N GLN A 39 5.82 22.05 -10.23
CA GLN A 39 7.08 22.68 -10.58
C GLN A 39 8.18 21.64 -10.48
N ALA A 40 8.76 21.27 -11.61
CA ALA A 40 9.94 20.44 -11.65
C ALA A 40 11.17 21.30 -11.90
N PRO A 41 12.29 21.04 -11.23
CA PRO A 41 13.47 21.90 -11.38
C PRO A 41 14.16 21.74 -12.73
N GLY A 42 13.39 21.40 -13.76
CA GLY A 42 13.88 21.34 -15.12
C GLY A 42 13.07 22.25 -16.02
N GLN A 43 11.97 22.77 -15.50
CA GLN A 43 11.11 23.71 -16.23
C GLN A 43 10.54 24.69 -15.22
N GLY A 44 9.48 25.39 -15.61
CA GLY A 44 8.73 26.26 -14.74
C GLY A 44 7.50 25.58 -14.19
N LEU A 45 6.44 26.38 -14.01
CA LEU A 45 5.21 25.87 -13.41
C LEU A 45 4.33 25.21 -14.47
N GLU A 46 3.76 24.06 -14.10
CA GLU A 46 2.90 23.27 -14.97
C GLU A 46 1.54 23.13 -14.31
N TRP A 47 0.52 23.72 -14.91
CA TRP A 47 -0.82 23.62 -14.35
C TRP A 47 -1.36 22.22 -14.58
N MET A 48 -1.86 21.59 -13.51
CA MET A 48 -2.42 20.25 -13.60
C MET A 48 -3.93 20.24 -13.77
N GLY A 49 -4.65 21.07 -13.04
CA GLY A 49 -6.09 21.11 -13.24
C GLY A 49 -6.80 21.99 -12.24
N ILE A 50 -8.13 22.00 -12.37
CA ILE A 50 -9.01 22.87 -11.60
C ILE A 50 -10.18 22.04 -11.07
N ILE A 51 -10.50 22.22 -9.79
CA ILE A 51 -11.62 21.56 -9.15
C ILE A 51 -12.50 22.61 -8.48
N ASN A 52 -13.81 22.39 -8.53
CA ASN A 52 -14.79 23.22 -7.84
C ASN A 52 -15.16 22.54 -6.54
N PRO A 53 -14.82 23.11 -5.37
CA PRO A 53 -15.09 22.40 -4.11
C PRO A 53 -16.56 22.12 -3.85
N SER A 54 -17.44 23.10 -4.06
CA SER A 54 -18.86 22.90 -3.79
C SER A 54 -19.42 21.73 -4.60
N SER A 55 -19.14 21.72 -5.90
CA SER A 55 -19.67 20.71 -6.81
C SER A 55 -18.80 19.46 -6.86
N GLY A 56 -17.48 19.61 -6.85
CA GLY A 56 -16.59 18.51 -7.14
C GLY A 56 -16.29 18.33 -8.61
N ASP A 57 -16.89 19.16 -9.47
CA ASP A 57 -16.60 19.09 -10.89
C ASP A 57 -15.17 19.52 -11.16
N THR A 58 -14.58 18.92 -12.20
CA THR A 58 -13.18 19.13 -12.51
C THR A 58 -13.00 19.44 -13.98
N ARG A 59 -11.84 20.03 -14.28
CA ARG A 59 -11.31 20.05 -15.63
C ARG A 59 -9.80 20.00 -15.53
N TYR A 60 -9.18 19.06 -16.24
CA TYR A 60 -7.76 18.83 -16.14
C TYR A 60 -7.06 19.38 -17.38
N ALA A 61 -5.78 19.71 -17.19
CA ALA A 61 -4.96 20.10 -18.33
C ALA A 61 -4.81 18.93 -19.28
N GLN A 62 -4.64 19.25 -20.57
CA GLN A 62 -4.52 18.21 -21.59
C GLN A 62 -3.36 17.27 -21.30
N LYS A 63 -2.30 17.78 -20.68
CA LYS A 63 -1.11 16.97 -20.42
C LYS A 63 -1.41 15.83 -19.43
N PHE A 64 -2.35 16.04 -18.51
CA PHE A 64 -2.58 15.11 -17.41
C PHE A 64 -3.93 14.40 -17.48
N GLN A 65 -4.74 14.64 -18.51
CA GLN A 65 -6.06 14.05 -18.60
C GLN A 65 -5.98 12.53 -18.56
N GLY A 66 -6.48 11.94 -17.47
CA GLY A 66 -6.43 10.50 -17.29
C GLY A 66 -5.68 10.07 -16.05
N ARG A 67 -4.44 10.53 -15.91
CA ARG A 67 -3.64 10.14 -14.75
C ARG A 67 -4.07 10.87 -13.48
N VAL A 68 -4.46 12.13 -13.59
CA VAL A 68 -4.78 12.92 -12.42
C VAL A 68 -6.27 12.80 -12.10
N THR A 69 -6.57 12.78 -10.80
CA THR A 69 -7.94 12.80 -10.31
C THR A 69 -7.98 13.77 -9.13
N MET A 70 -8.83 14.78 -9.22
CA MET A 70 -9.01 15.75 -8.16
C MET A 70 -10.31 15.48 -7.44
N THR A 71 -10.25 15.51 -6.11
CA THR A 71 -11.43 15.30 -5.28
C THR A 71 -11.41 16.29 -4.12
N ARG A 72 -12.44 16.26 -3.30
CA ARG A 72 -12.48 17.12 -2.14
C ARG A 72 -13.38 16.50 -1.07
N ASP A 73 -13.20 16.97 0.15
CA ASP A 73 -14.06 16.65 1.28
C ASP A 73 -14.53 17.96 1.89
N THR A 74 -15.84 18.21 1.84
CA THR A 74 -16.37 19.47 2.36
C THR A 74 -16.33 19.51 3.87
N SER A 75 -16.54 18.37 4.53
CA SER A 75 -16.51 18.32 5.99
C SER A 75 -15.17 18.81 6.52
N THR A 76 -14.09 18.11 6.17
CA THR A 76 -12.75 18.50 6.57
C THR A 76 -12.17 19.61 5.70
N ASN A 77 -12.96 20.13 4.75
CA ASN A 77 -12.57 21.15 3.77
C ASN A 77 -11.15 20.92 3.24
N THR A 78 -10.98 19.84 2.48
CA THR A 78 -9.68 19.47 1.95
C THR A 78 -9.80 19.10 0.48
N VAL A 79 -8.88 19.59 -0.34
CA VAL A 79 -8.80 19.18 -1.74
C VAL A 79 -7.71 18.12 -1.84
N TYR A 80 -7.90 17.18 -2.76
CA TYR A 80 -6.95 16.10 -2.98
C TYR A 80 -6.60 16.03 -4.46
N MET A 81 -5.31 15.86 -4.74
CA MET A 81 -4.81 15.61 -6.08
C MET A 81 -4.13 14.25 -6.10
N GLU A 82 -4.57 13.38 -7.00
CA GLU A 82 -4.03 12.04 -7.11
C GLU A 82 -3.45 11.87 -8.51
N LEU A 83 -2.15 11.64 -8.58
CA LEU A 83 -1.50 11.40 -9.86
C LEU A 83 -1.06 9.93 -9.89
N SER A 84 -1.28 9.28 -11.02
CA SER A 84 -1.07 7.84 -11.17
C SER A 84 -0.13 7.57 -12.33
N SER A 85 0.31 6.31 -12.43
CA SER A 85 1.29 5.89 -13.44
C SER A 85 2.55 6.76 -13.38
N LEU A 86 3.07 6.91 -12.17
CA LEU A 86 4.15 7.85 -11.89
C LEU A 86 5.43 7.51 -12.63
N ARG A 87 5.78 8.31 -13.63
CA ARG A 87 7.05 8.16 -14.31
C ARG A 87 8.10 9.02 -13.62
N SER A 88 9.36 8.78 -14.00
CA SER A 88 10.49 9.38 -13.30
C SER A 88 10.57 10.89 -13.45
N ASP A 89 9.86 11.49 -14.40
CA ASP A 89 9.88 12.94 -14.53
C ASP A 89 8.73 13.60 -13.76
N ASP A 90 7.97 12.83 -12.99
CA ASP A 90 6.93 13.36 -12.14
C ASP A 90 7.45 13.80 -10.77
N THR A 91 8.71 13.56 -10.47
CA THR A 91 9.29 14.09 -9.23
C THR A 91 9.33 15.61 -9.33
N ALA A 92 8.66 16.28 -8.42
CA ALA A 92 8.48 17.73 -8.50
C ALA A 92 7.81 18.20 -7.21
N VAL A 93 7.71 19.52 -7.09
CA VAL A 93 6.93 20.14 -6.03
C VAL A 93 5.52 20.37 -6.56
N TYR A 94 4.51 19.98 -5.79
CA TYR A 94 3.12 20.08 -6.19
C TYR A 94 2.43 21.12 -5.32
N TYR A 95 1.85 22.13 -5.96
CA TYR A 95 1.18 23.23 -5.27
C TYR A 95 -0.33 23.18 -5.53
N CYS A 96 -1.10 23.35 -4.46
CA CYS A 96 -2.49 23.74 -4.56
C CYS A 96 -2.58 25.24 -4.35
N ALA A 97 -3.51 25.88 -5.06
CA ALA A 97 -3.65 27.33 -5.01
C ALA A 97 -5.12 27.70 -5.12
N ARG A 98 -5.57 28.59 -4.23
CA ARG A 98 -6.95 29.04 -4.25
C ARG A 98 -7.13 30.13 -5.31
N ARG A 99 -8.26 30.06 -6.01
CA ARG A 99 -8.63 31.09 -6.96
C ARG A 99 -9.44 32.17 -6.25
N PRO A 100 -8.96 33.42 -6.22
CA PRO A 100 -9.68 34.52 -5.54
C PRO A 100 -11.08 34.73 -6.11
N GLU A 104 -15.79 35.45 -11.25
CA GLU A 104 -16.02 35.84 -12.66
C GLU A 104 -15.01 35.13 -13.57
N ARG A 105 -14.47 35.86 -14.55
CA ARG A 105 -13.49 35.29 -15.48
C ARG A 105 -12.06 35.72 -15.13
N HIS A 106 -11.77 35.79 -13.83
CA HIS A 106 -10.49 36.23 -13.31
C HIS A 106 -9.81 35.04 -12.64
N ASN A 107 -8.93 34.37 -13.38
CA ASN A 107 -8.30 33.12 -12.96
C ASN A 107 -6.79 33.34 -12.78
N TRP A 108 -6.37 33.65 -11.54
CA TRP A 108 -4.95 33.97 -11.36
C TRP A 108 -4.34 33.51 -10.04
N LEU A 109 -5.03 32.72 -9.22
CA LEU A 109 -4.38 31.93 -8.16
C LEU A 109 -3.72 32.77 -7.07
N ASP A 110 -4.31 32.77 -5.88
CA ASP A 110 -3.75 33.40 -4.69
C ASP A 110 -4.63 33.07 -3.50
N PRO A 111 -4.06 32.53 -2.41
CA PRO A 111 -2.64 32.21 -2.22
C PRO A 111 -2.30 30.79 -2.66
N TRP A 112 -1.04 30.40 -2.47
CA TRP A 112 -0.57 29.06 -2.80
C TRP A 112 -0.23 28.29 -1.53
N GLY A 113 -0.21 26.97 -1.65
CA GLY A 113 0.16 26.12 -0.55
C GLY A 113 1.66 26.14 -0.28
N GLN A 114 2.06 25.37 0.73
CA GLN A 114 3.49 25.25 1.04
C GLN A 114 4.23 24.41 0.01
N GLY A 115 3.50 23.63 -0.80
CA GLY A 115 4.12 22.75 -1.76
C GLY A 115 4.50 21.41 -1.16
N THR A 116 4.31 20.33 -1.92
CA THR A 116 4.65 18.99 -1.48
C THR A 116 5.66 18.40 -2.45
N LEU A 117 6.82 17.99 -1.94
CA LEU A 117 7.85 17.37 -2.78
C LEU A 117 7.54 15.89 -2.96
N VAL A 118 7.40 15.46 -4.21
CA VAL A 118 7.15 14.06 -4.54
C VAL A 118 8.30 13.57 -5.41
N THR A 119 9.06 12.61 -4.89
CA THR A 119 10.19 12.03 -5.62
C THR A 119 9.75 10.71 -6.23
N VAL A 120 10.06 10.51 -7.50
CA VAL A 120 9.77 9.27 -8.20
C VAL A 120 11.08 8.54 -8.43
N SER A 121 11.29 7.43 -7.71
CA SER A 121 12.49 6.63 -7.91
C SER A 121 12.32 5.31 -7.18
N SER A 122 13.01 4.29 -7.67
CA SER A 122 13.02 2.96 -7.06
C SER A 122 14.19 2.75 -6.12
N ALA A 123 14.92 3.81 -5.78
CA ALA A 123 16.00 3.69 -4.81
C ALA A 123 15.44 3.48 -3.41
N SER A 124 16.20 2.78 -2.59
CA SER A 124 15.79 2.47 -1.22
C SER A 124 16.44 3.43 -0.24
N THR A 125 15.79 3.62 0.90
CA THR A 125 16.30 4.49 1.94
C THR A 125 17.72 4.08 2.31
N LYS A 126 18.61 5.07 2.38
CA LYS A 126 20.03 4.79 2.57
C LYS A 126 20.71 5.97 3.26
N GLY A 127 21.55 5.65 4.24
CA GLY A 127 22.32 6.66 4.93
C GLY A 127 23.46 7.19 4.08
N PRO A 128 23.79 8.47 4.26
CA PRO A 128 24.93 9.05 3.54
C PRO A 128 26.24 8.62 4.16
N SER A 129 27.18 8.27 3.30
CA SER A 129 28.55 8.04 3.74
C SER A 129 29.30 9.36 3.65
N VAL A 130 30.03 9.70 4.70
CA VAL A 130 30.73 10.98 4.80
C VAL A 130 32.20 10.75 4.53
N PHE A 131 32.79 11.58 3.69
CA PHE A 131 34.23 11.57 3.47
C PHE A 131 34.77 12.98 3.65
N PRO A 132 35.98 13.11 4.18
CA PRO A 132 36.56 14.44 4.40
C PRO A 132 37.22 14.99 3.14
N LEU A 133 37.34 16.32 3.12
CA LEU A 133 38.07 17.04 2.08
C LEU A 133 39.10 17.88 2.81
N ALA A 134 40.26 17.29 3.05
CA ALA A 134 41.31 17.91 3.85
C ALA A 134 42.12 18.91 3.02
N PRO A 135 42.62 19.97 3.65
CA PRO A 135 43.42 20.97 2.92
C PRO A 135 44.92 20.78 3.11
N SER A 136 45.69 20.84 2.02
CA SER A 136 47.13 20.85 2.16
C SER A 136 47.62 22.27 2.38
N SER A 137 48.16 22.90 1.34
CA SER A 137 48.70 24.24 1.45
C SER A 137 47.61 25.30 1.37
N THR A 144 43.19 31.93 1.95
CA THR A 144 42.99 31.10 3.13
C THR A 144 42.72 29.64 2.74
N ALA A 145 42.65 28.76 3.73
CA ALA A 145 42.52 27.34 3.49
C ALA A 145 41.07 26.94 3.29
N ALA A 146 40.87 25.83 2.57
CA ALA A 146 39.54 25.33 2.23
C ALA A 146 39.42 23.90 2.75
N LEU A 147 38.43 23.66 3.60
CA LEU A 147 38.16 22.32 4.11
C LEU A 147 36.76 21.93 3.68
N GLY A 148 36.48 20.62 3.67
CA GLY A 148 35.20 20.20 3.14
C GLY A 148 34.75 18.82 3.60
N CYS A 149 33.58 18.45 3.10
CA CYS A 149 32.84 17.26 3.54
C CYS A 149 32.02 16.80 2.34
N LEU A 150 32.35 15.63 1.81
CA LEU A 150 31.59 15.01 0.72
C LEU A 150 30.62 14.02 1.35
N VAL A 151 29.35 14.40 1.46
CA VAL A 151 28.32 13.47 1.87
C VAL A 151 27.78 12.84 0.59
N LYS A 152 27.82 11.52 0.54
CA LYS A 152 27.74 10.79 -0.71
C LYS A 152 26.81 9.61 -0.57
N ASP A 153 26.04 9.33 -1.62
CA ASP A 153 25.26 8.11 -1.75
C ASP A 153 24.30 7.92 -0.58
N TYR A 154 23.29 8.79 -0.58
CA TYR A 154 22.17 8.69 0.34
C TYR A 154 20.87 8.77 -0.45
N PHE A 155 19.80 8.29 0.16
CA PHE A 155 18.47 8.45 -0.41
C PHE A 155 17.46 8.27 0.72
N PRO A 156 16.42 9.11 0.79
CA PRO A 156 16.24 10.25 -0.10
C PRO A 156 16.76 11.55 0.49
N GLU A 157 16.68 12.63 -0.29
CA GLU A 157 16.94 13.95 0.26
C GLU A 157 15.86 14.30 1.27
N PRO A 158 16.15 15.23 2.21
CA PRO A 158 17.33 16.08 2.36
C PRO A 158 18.36 15.57 3.38
N VAL A 159 19.46 16.31 3.48
CA VAL A 159 20.47 16.10 4.51
C VAL A 159 20.70 17.44 5.20
N THR A 160 21.14 17.37 6.45
CA THR A 160 21.56 18.57 7.18
C THR A 160 23.05 18.48 7.45
N VAL A 161 23.77 19.53 7.05
CA VAL A 161 25.20 19.65 7.32
C VAL A 161 25.43 20.90 8.15
N SER A 162 26.01 20.74 9.33
CA SER A 162 26.46 21.86 10.15
C SER A 162 27.88 21.59 10.58
N TRP A 163 28.74 22.59 10.46
CA TRP A 163 30.11 22.43 10.89
C TRP A 163 30.23 22.71 12.39
N ASN A 164 30.98 21.85 13.08
CA ASN A 164 31.39 22.09 14.46
C ASN A 164 30.19 22.24 15.39
N SER A 165 29.12 21.47 15.12
CA SER A 165 27.89 21.54 15.89
C SER A 165 27.35 22.98 15.93
N GLY A 166 27.45 23.66 14.79
CA GLY A 166 26.96 25.01 14.67
C GLY A 166 27.93 26.10 15.08
N ALA A 167 29.15 25.75 15.48
CA ALA A 167 30.13 26.74 15.89
C ALA A 167 30.56 27.60 14.71
N LEU A 168 31.24 26.99 13.74
CA LEU A 168 31.69 27.71 12.55
C LEU A 168 30.53 27.83 11.57
N THR A 169 30.22 29.05 11.18
CA THR A 169 29.13 29.33 10.25
C THR A 169 29.56 30.22 9.10
N SER A 170 30.34 31.27 9.36
CA SER A 170 30.81 32.13 8.29
C SER A 170 31.78 31.39 7.39
N GLY A 171 31.77 31.76 6.11
CA GLY A 171 32.59 31.09 5.11
C GLY A 171 32.13 29.72 4.72
N VAL A 172 31.03 29.22 5.27
CA VAL A 172 30.52 27.89 4.98
C VAL A 172 29.64 27.97 3.74
N HIS A 173 29.88 27.07 2.78
CA HIS A 173 29.12 26.97 1.55
C HIS A 173 28.69 25.52 1.39
N THR A 174 27.39 25.27 1.51
CA THR A 174 26.83 23.94 1.38
C THR A 174 26.19 23.82 -0.01
N PHE A 175 26.61 22.81 -0.76
CA PHE A 175 26.18 22.80 -2.15
C PHE A 175 24.86 22.03 -2.30
N PRO A 176 24.01 22.48 -3.22
CA PRO A 176 22.81 21.70 -3.55
C PRO A 176 23.17 20.29 -3.97
N ALA A 177 22.26 19.36 -3.67
CA ALA A 177 22.51 17.94 -3.92
C ALA A 177 22.36 17.61 -5.40
N VAL A 178 23.20 16.69 -5.87
CA VAL A 178 23.16 16.21 -7.25
C VAL A 178 22.73 14.76 -7.25
N LEU A 179 21.89 14.40 -8.22
CA LEU A 179 21.45 13.02 -8.37
C LEU A 179 22.39 12.30 -9.33
N GLN A 180 23.05 11.26 -8.83
CA GLN A 180 24.03 10.54 -9.62
C GLN A 180 23.36 9.46 -10.48
N SER A 181 24.15 8.85 -11.37
CA SER A 181 23.64 7.79 -12.21
C SER A 181 23.17 6.58 -11.40
N SER A 182 23.63 6.45 -10.15
CA SER A 182 23.19 5.36 -9.31
C SER A 182 21.74 5.52 -8.85
N GLY A 183 21.18 6.73 -8.97
CA GLY A 183 19.92 7.04 -8.33
C GLY A 183 20.07 7.59 -6.93
N LEU A 184 21.29 7.69 -6.41
CA LEU A 184 21.57 8.27 -5.11
C LEU A 184 22.12 9.69 -5.26
N TYR A 185 21.98 10.47 -4.20
CA TYR A 185 22.37 11.87 -4.21
C TYR A 185 23.76 12.07 -3.62
N SER A 186 24.40 13.16 -4.04
CA SER A 186 25.71 13.54 -3.54
C SER A 186 25.77 15.05 -3.39
N LEU A 187 26.37 15.51 -2.30
CA LEU A 187 26.56 16.94 -2.08
C LEU A 187 27.81 17.14 -1.22
N SER A 188 28.41 18.31 -1.33
CA SER A 188 29.56 18.66 -0.51
C SER A 188 29.32 19.99 0.20
N SER A 189 29.93 20.11 1.36
CA SER A 189 29.96 21.35 2.13
C SER A 189 31.41 21.74 2.35
N VAL A 190 31.74 23.01 2.14
CA VAL A 190 33.12 23.47 2.21
C VAL A 190 33.17 24.83 2.88
N VAL A 191 34.14 25.02 3.77
CA VAL A 191 34.31 26.30 4.44
C VAL A 191 35.78 26.72 4.36
N THR A 192 35.98 28.03 4.15
CA THR A 192 37.31 28.64 4.16
C THR A 192 37.64 29.12 5.56
N VAL A 193 38.85 28.82 6.02
CA VAL A 193 39.32 29.21 7.34
C VAL A 193 40.73 29.75 7.24
N PRO A 194 41.13 30.59 8.18
CA PRO A 194 42.54 31.02 8.23
C PRO A 194 43.47 29.82 8.32
N SER A 195 44.52 29.83 7.51
CA SER A 195 45.36 28.65 7.34
C SER A 195 46.05 28.24 8.64
N SER A 196 46.37 29.21 9.50
CA SER A 196 47.05 28.88 10.75
C SER A 196 46.13 28.21 11.76
N SER A 197 44.82 28.21 11.55
CA SER A 197 43.88 27.71 12.55
C SER A 197 43.83 26.18 12.60
N LEU A 198 44.28 25.49 11.55
CA LEU A 198 44.29 24.04 11.58
C LEU A 198 45.64 23.57 12.10
N GLY A 199 45.59 22.60 13.03
CA GLY A 199 46.66 22.38 13.96
C GLY A 199 46.40 22.98 15.32
N THR A 200 45.37 23.81 15.44
CA THR A 200 44.93 24.41 16.70
C THR A 200 43.45 24.18 16.97
N GLN A 201 42.61 24.18 15.95
CA GLN A 201 41.16 24.16 16.14
C GLN A 201 40.55 22.91 15.53
N THR A 202 39.54 22.36 16.21
CA THR A 202 38.82 21.18 15.79
C THR A 202 37.67 21.59 14.86
N TYR A 203 37.64 21.03 13.66
CA TYR A 203 36.63 21.35 12.65
C TYR A 203 35.89 20.07 12.29
N ILE A 204 34.70 19.91 12.86
CA ILE A 204 33.89 18.70 12.69
C ILE A 204 32.74 19.02 11.74
N CYS A 205 32.43 18.06 10.87
CA CYS A 205 31.31 18.14 9.94
C CYS A 205 30.24 17.18 10.44
N ASN A 206 29.13 17.73 10.94
CA ASN A 206 28.04 16.95 11.49
C ASN A 206 26.93 16.92 10.45
N VAL A 207 26.69 15.74 9.89
CA VAL A 207 25.59 15.54 8.95
C VAL A 207 24.55 14.66 9.64
N ASN A 208 23.28 14.95 9.37
CA ASN A 208 22.22 14.04 9.77
C ASN A 208 21.26 13.83 8.60
N HIS A 209 20.76 12.61 8.55
CA HIS A 209 19.78 12.15 7.57
C HIS A 209 18.64 11.55 8.38
N LYS A 210 17.50 12.23 8.38
CA LYS A 210 16.35 11.80 9.18
C LYS A 210 15.59 10.66 8.52
N PRO A 211 15.33 10.71 7.18
CA PRO A 211 14.73 9.54 6.50
C PRO A 211 15.34 8.22 6.93
N SER A 212 16.65 8.08 6.75
CA SER A 212 17.39 6.89 7.17
C SER A 212 18.18 7.25 8.43
N ASN A 213 17.78 6.67 9.56
CA ASN A 213 18.42 6.85 10.86
C ASN A 213 19.92 7.10 10.79
N THR A 214 20.34 8.30 10.39
CA THR A 214 21.77 8.55 10.23
C THR A 214 22.18 9.83 10.93
N LYS A 215 23.19 9.73 11.79
CA LYS A 215 23.81 10.88 12.45
C LYS A 215 25.31 10.65 12.41
N VAL A 216 26.00 11.27 11.46
CA VAL A 216 27.43 11.05 11.25
C VAL A 216 28.18 12.33 11.63
N ASP A 217 29.31 12.14 12.31
CA ASP A 217 30.23 13.22 12.65
C ASP A 217 31.60 12.84 12.09
N LYS A 218 32.17 13.71 11.27
CA LYS A 218 33.50 13.46 10.70
C LYS A 218 34.41 14.62 11.05
N ARG A 219 35.47 14.35 11.80
CA ARG A 219 36.51 15.35 11.98
C ARG A 219 37.24 15.53 10.66
N VAL A 220 37.39 16.77 10.23
CA VAL A 220 37.97 17.08 8.92
C VAL A 220 39.33 17.74 9.17
N GLU A 221 40.38 16.95 9.26
CA GLU A 221 41.75 17.39 9.50
C GLU A 221 42.62 16.78 8.41
N PRO A 222 43.83 17.34 8.19
CA PRO A 222 44.54 16.99 6.96
C PRO A 222 45.86 16.23 7.07
N LYS A 223 46.58 16.23 5.94
CA LYS A 223 47.97 15.78 5.78
C LYS A 223 48.32 14.45 6.44
N GLU B 1 -2.71 25.38 -25.23
CA GLU B 1 -2.38 25.66 -26.64
C GLU B 1 -2.01 27.13 -26.85
N ILE B 2 -2.23 27.98 -25.86
CA ILE B 2 -1.58 29.30 -25.79
C ILE B 2 -0.28 29.12 -25.02
N VAL B 3 0.80 29.65 -25.59
CA VAL B 3 2.14 29.49 -25.07
C VAL B 3 2.66 30.84 -24.61
N MET B 4 3.19 30.90 -23.40
CA MET B 4 3.83 32.11 -22.89
C MET B 4 5.34 31.90 -22.86
N THR B 5 6.06 32.86 -23.43
CA THR B 5 7.51 32.82 -23.54
C THR B 5 8.10 33.98 -22.76
N GLN B 6 9.01 33.67 -21.83
CA GLN B 6 9.56 34.67 -20.93
C GLN B 6 10.87 35.25 -21.48
N SER B 7 10.85 36.56 -21.81
CA SER B 7 11.90 37.57 -22.14
C SER B 7 13.31 36.98 -22.12
N PRO B 8 14.33 37.41 -21.27
CA PRO B 8 15.50 36.51 -21.17
C PRO B 8 15.36 35.55 -20.00
N ALA B 9 16.02 34.40 -20.10
CA ALA B 9 15.89 33.39 -19.05
C ALA B 9 16.44 33.88 -17.72
N THR B 10 17.47 34.73 -17.76
CA THR B 10 18.08 35.24 -16.53
C THR B 10 18.48 36.69 -16.75
N LEU B 11 18.43 37.48 -15.68
CA LEU B 11 18.79 38.89 -15.76
C LEU B 11 19.52 39.28 -14.48
N SER B 12 20.72 39.85 -14.65
CA SER B 12 21.49 40.40 -13.55
C SER B 12 21.54 41.91 -13.70
N VAL B 13 21.15 42.63 -12.63
CA VAL B 13 21.11 44.09 -12.65
C VAL B 13 21.50 44.59 -11.27
N SER B 14 22.23 45.71 -11.24
CA SER B 14 22.79 46.20 -10.00
C SER B 14 21.68 46.69 -9.07
N PRO B 15 21.82 46.49 -7.76
CA PRO B 15 20.75 46.87 -6.84
C PRO B 15 20.42 48.35 -6.94
N GLY B 16 19.13 48.65 -7.07
CA GLY B 16 18.65 50.01 -7.13
C GLY B 16 18.37 50.56 -8.51
N GLU B 17 18.77 49.86 -9.57
CA GLU B 17 18.53 50.36 -10.92
C GLU B 17 17.17 49.85 -11.42
N ARG B 18 17.03 49.67 -12.72
CA ARG B 18 15.76 49.28 -13.31
C ARG B 18 15.87 47.87 -13.88
N ALA B 19 14.74 47.15 -13.85
CA ALA B 19 14.68 45.79 -14.36
C ALA B 19 13.43 45.63 -15.20
N THR B 20 13.57 45.02 -16.38
CA THR B 20 12.50 44.90 -17.36
C THR B 20 12.42 43.46 -17.85
N LEU B 21 11.29 42.81 -17.58
CA LEU B 21 10.98 41.49 -18.14
C LEU B 21 9.81 41.62 -19.10
N SER B 22 9.71 40.66 -20.02
CA SER B 22 8.72 40.70 -21.08
C SER B 22 8.11 39.33 -21.28
N CYS B 23 6.81 39.21 -21.06
CA CYS B 23 6.11 37.97 -21.33
C CYS B 23 5.43 38.06 -22.70
N ARG B 24 5.53 36.99 -23.48
CA ARG B 24 4.97 36.96 -24.83
C ARG B 24 3.97 35.81 -24.96
N ALA B 25 2.90 36.06 -25.73
CA ALA B 25 1.88 35.06 -25.98
C ALA B 25 1.80 34.75 -27.46
N SER B 26 1.67 33.47 -27.79
CA SER B 26 1.43 33.07 -29.17
C SER B 26 0.06 33.59 -29.63
N GLN B 27 -0.96 33.35 -28.82
CA GLN B 27 -2.31 33.86 -29.05
C GLN B 27 -2.47 35.18 -28.33
N SER B 28 -3.15 36.13 -28.97
CA SER B 28 -3.48 37.36 -28.28
C SER B 28 -4.39 37.04 -27.10
N ILE B 29 -3.95 37.41 -25.90
CA ILE B 29 -4.75 37.21 -24.71
C ILE B 29 -5.47 38.49 -24.29
N SER B 30 -5.61 39.46 -25.20
CA SER B 30 -6.19 40.76 -24.88
C SER B 30 -5.38 41.31 -23.71
N SER B 31 -5.99 41.65 -22.57
CA SER B 31 -5.19 42.01 -21.41
C SER B 31 -4.81 40.71 -20.70
N ASN B 32 -5.53 40.35 -19.65
CA ASN B 32 -5.64 38.96 -19.21
C ASN B 32 -4.30 38.30 -18.86
N LEU B 33 -3.56 38.91 -17.93
CA LEU B 33 -2.30 38.29 -17.54
C LEU B 33 -1.91 38.68 -16.13
N ALA B 34 -1.37 37.71 -15.41
CA ALA B 34 -0.86 37.87 -14.06
C ALA B 34 0.65 37.62 -14.04
N TRP B 35 1.27 38.05 -12.95
CA TRP B 35 2.69 37.87 -12.66
C TRP B 35 2.85 37.35 -11.25
N TYR B 36 3.85 36.50 -11.06
CA TYR B 36 4.16 35.90 -9.77
C TYR B 36 5.64 36.07 -9.48
N GLN B 37 5.95 36.31 -8.21
CA GLN B 37 7.31 36.27 -7.70
C GLN B 37 7.45 35.01 -6.83
N GLN B 38 8.61 34.39 -6.91
CA GLN B 38 8.90 33.23 -6.07
C GLN B 38 10.37 33.27 -5.66
N LYS B 39 10.60 33.23 -4.37
CA LYS B 39 11.86 33.01 -3.70
C LYS B 39 12.13 31.51 -3.63
N PRO B 40 13.40 31.11 -3.63
CA PRO B 40 13.70 29.67 -3.58
C PRO B 40 13.23 29.05 -2.27
N GLY B 41 12.80 27.79 -2.36
CA GLY B 41 12.24 27.09 -1.22
C GLY B 41 10.89 27.60 -0.77
N GLN B 42 10.22 28.43 -1.58
CA GLN B 42 8.92 28.97 -1.21
C GLN B 42 8.00 28.95 -2.42
N ALA B 43 6.70 29.03 -2.15
CA ALA B 43 5.69 29.04 -3.20
C ALA B 43 5.65 30.41 -3.86
N PRO B 44 5.14 30.48 -5.09
CA PRO B 44 4.98 31.78 -5.75
C PRO B 44 3.91 32.61 -5.07
N ARG B 45 4.17 33.91 -4.99
CA ARG B 45 3.21 34.88 -4.45
C ARG B 45 2.73 35.77 -5.58
N LEU B 46 1.44 36.13 -5.53
CA LEU B 46 0.87 36.96 -6.58
C LEU B 46 1.43 38.37 -6.52
N LEU B 47 1.60 38.97 -7.71
CA LEU B 47 2.25 40.27 -7.85
C LEU B 47 1.33 41.25 -8.56
N ILE B 48 1.04 41.02 -9.84
CA ILE B 48 0.17 41.85 -10.65
C ILE B 48 -0.83 40.94 -11.32
N TYR B 49 -2.03 41.43 -11.56
CA TYR B 49 -2.99 40.74 -12.41
C TYR B 49 -3.59 41.75 -13.39
N GLY B 50 -4.30 41.22 -14.39
CA GLY B 50 -4.81 42.07 -15.45
C GLY B 50 -3.75 42.90 -16.14
N ALA B 51 -2.52 42.37 -16.21
CA ALA B 51 -1.37 43.00 -16.84
C ALA B 51 -0.80 44.16 -16.04
N SER B 52 -1.66 44.97 -15.40
CA SER B 52 -1.20 46.21 -14.79
C SER B 52 -1.56 46.41 -13.33
N THR B 53 -2.52 45.67 -12.78
CA THR B 53 -3.06 45.95 -11.46
C THR B 53 -2.23 45.23 -10.40
N ARG B 54 -1.52 45.99 -9.57
CA ARG B 54 -0.77 45.40 -8.47
C ARG B 54 -1.69 44.65 -7.53
N ALA B 55 -1.20 43.54 -6.99
CA ALA B 55 -1.95 42.78 -6.02
C ALA B 55 -1.82 43.40 -4.64
N THR B 56 -2.67 42.97 -3.72
CA THR B 56 -2.62 43.50 -2.38
C THR B 56 -1.26 43.21 -1.75
N GLY B 57 -0.63 44.26 -1.22
CA GLY B 57 0.69 44.15 -0.65
C GLY B 57 1.84 44.27 -1.63
N THR B 58 1.58 44.33 -2.94
CA THR B 58 2.66 44.46 -3.92
C THR B 58 3.15 45.91 -3.95
N PRO B 59 4.42 46.17 -3.61
CA PRO B 59 4.90 47.55 -3.55
C PRO B 59 4.86 48.24 -4.91
N ALA B 60 5.01 49.56 -4.87
CA ALA B 60 4.74 50.43 -6.01
C ALA B 60 5.82 50.42 -7.07
N ARG B 61 7.00 49.87 -6.78
CA ARG B 61 8.04 49.80 -7.79
C ARG B 61 7.77 48.73 -8.84
N PHE B 62 6.91 47.77 -8.52
CA PHE B 62 6.48 46.74 -9.47
C PHE B 62 5.32 47.28 -10.29
N SER B 63 5.48 47.29 -11.62
CA SER B 63 4.43 47.71 -12.52
C SER B 63 4.43 46.79 -13.73
N GLY B 64 3.37 46.88 -14.53
CA GLY B 64 3.27 46.02 -15.69
C GLY B 64 2.36 46.58 -16.78
N SER B 65 2.80 46.48 -18.02
CA SER B 65 2.03 46.94 -19.16
C SER B 65 1.85 45.78 -20.14
N GLY B 66 0.76 45.82 -20.91
CA GLY B 66 0.50 44.69 -21.77
C GLY B 66 -0.51 44.85 -22.89
N SER B 67 -1.61 44.12 -22.79
CA SER B 67 -2.67 44.06 -23.80
C SER B 67 -2.17 43.47 -25.11
N GLY B 68 -2.74 42.33 -25.51
CA GLY B 68 -2.42 41.72 -26.79
C GLY B 68 -1.58 40.46 -26.70
N THR B 69 -0.38 40.50 -27.28
CA THR B 69 0.52 39.35 -27.35
C THR B 69 1.78 39.51 -26.52
N GLU B 70 2.27 40.73 -26.33
CA GLU B 70 3.54 40.98 -25.66
C GLU B 70 3.30 41.83 -24.41
N PHE B 71 3.88 41.40 -23.29
CA PHE B 71 3.66 42.05 -22.01
C PHE B 71 5.00 42.40 -21.38
N THR B 72 4.95 43.11 -20.25
CA THR B 72 6.16 43.63 -19.63
C THR B 72 5.90 43.86 -18.15
N LEU B 73 6.80 43.34 -17.32
CA LEU B 73 6.90 43.68 -15.91
C LEU B 73 8.13 44.54 -15.71
N THR B 74 8.02 45.55 -14.86
CA THR B 74 9.10 46.49 -14.61
C THR B 74 9.25 46.71 -13.12
N ILE B 75 10.48 46.59 -12.63
CA ILE B 75 10.80 46.92 -11.25
C ILE B 75 11.75 48.11 -11.29
N SER B 76 11.26 49.27 -10.88
CA SER B 76 12.09 50.44 -10.71
C SER B 76 12.80 50.37 -9.35
N SER B 77 14.08 50.74 -9.34
CA SER B 77 14.89 50.68 -8.13
C SER B 77 14.92 49.28 -7.55
N LEU B 78 15.84 48.42 -7.99
CA LEU B 78 15.92 47.08 -7.44
C LEU B 78 16.14 47.12 -5.93
N GLN B 79 15.84 46.00 -5.28
CA GLN B 79 15.97 45.87 -3.85
C GLN B 79 16.46 44.47 -3.52
N SER B 80 16.94 44.32 -2.29
CA SER B 80 17.51 43.06 -1.85
C SER B 80 16.51 41.92 -1.97
N GLU B 81 15.26 42.16 -1.59
CA GLU B 81 14.25 41.12 -1.54
C GLU B 81 13.55 40.87 -2.87
N ASP B 82 13.87 41.65 -3.91
CA ASP B 82 13.26 41.45 -5.23
C ASP B 82 14.00 40.45 -6.08
N PHE B 83 15.29 40.24 -5.83
CA PHE B 83 16.03 39.26 -6.61
C PHE B 83 15.47 37.87 -6.33
N ALA B 84 14.81 37.30 -7.33
CA ALA B 84 14.07 36.05 -7.21
C ALA B 84 13.68 35.58 -8.60
N SER B 85 12.75 34.64 -8.70
CA SER B 85 12.25 34.20 -9.99
C SER B 85 10.86 34.80 -10.23
N TYR B 86 10.57 35.11 -11.50
CA TYR B 86 9.32 35.75 -11.87
C TYR B 86 8.66 34.99 -13.00
N TYR B 87 7.37 34.71 -12.84
CA TYR B 87 6.61 33.95 -13.83
C TYR B 87 5.39 34.75 -14.27
N CYS B 88 5.12 34.75 -15.57
CA CYS B 88 3.85 35.26 -16.07
C CYS B 88 2.88 34.11 -16.26
N GLN B 89 1.59 34.44 -16.20
CA GLN B 89 0.55 33.42 -16.32
C GLN B 89 -0.63 34.03 -17.06
N GLN B 90 -1.28 33.20 -17.87
CA GLN B 90 -2.35 33.62 -18.76
C GLN B 90 -3.65 32.94 -18.35
N TYR B 91 -4.76 33.66 -18.50
CA TYR B 91 -6.10 33.11 -18.31
C TYR B 91 -7.02 33.69 -19.38
N ASN B 92 -6.73 33.37 -20.65
CA ASN B 92 -7.47 33.96 -21.76
C ASN B 92 -8.86 33.32 -21.91
N ASN B 93 -8.91 32.00 -22.01
CA ASN B 93 -10.15 31.24 -21.90
C ASN B 93 -10.24 30.70 -20.48
N TRP B 94 -11.45 30.80 -19.88
CA TRP B 94 -11.59 30.81 -18.43
C TRP B 94 -10.73 29.76 -17.72
N PRO B 95 -11.12 28.48 -17.67
CA PRO B 95 -10.48 27.58 -16.70
C PRO B 95 -9.04 27.22 -17.05
N ALA B 96 -8.65 27.34 -18.33
CA ALA B 96 -7.32 26.93 -18.75
C ALA B 96 -6.30 28.04 -18.51
N ILE B 97 -5.23 27.71 -17.80
CA ILE B 97 -4.13 28.64 -17.53
C ILE B 97 -2.82 27.96 -17.88
N THR B 98 -1.89 28.73 -18.45
CA THR B 98 -0.53 28.26 -18.72
C THR B 98 0.46 29.29 -18.22
N PHE B 99 1.56 28.81 -17.67
CA PHE B 99 2.60 29.66 -17.09
C PHE B 99 3.73 29.89 -18.10
N GLY B 100 4.63 30.80 -17.73
CA GLY B 100 5.83 31.02 -18.49
C GLY B 100 6.97 30.12 -18.02
N GLN B 101 8.09 30.20 -18.74
CA GLN B 101 9.27 29.44 -18.33
C GLN B 101 9.90 30.04 -17.09
N GLY B 102 9.87 31.36 -16.97
CA GLY B 102 10.43 32.03 -15.83
C GLY B 102 11.64 32.87 -16.19
N THR B 103 11.85 33.94 -15.44
CA THR B 103 13.06 34.75 -15.51
C THR B 103 13.61 34.91 -14.11
N ARG B 104 14.84 34.46 -13.90
CA ARG B 104 15.50 34.60 -12.60
C ARG B 104 16.26 35.93 -12.58
N LEU B 105 16.00 36.73 -11.56
CA LEU B 105 16.66 38.01 -11.39
C LEU B 105 17.84 37.87 -10.44
N GLU B 106 19.00 38.35 -10.86
CA GLU B 106 20.23 38.18 -10.10
C GLU B 106 20.84 39.54 -9.79
N ILE B 107 21.66 39.56 -8.73
CA ILE B 107 22.36 40.77 -8.32
C ILE B 107 23.59 40.95 -9.17
N LYS B 108 23.70 42.10 -9.84
CA LYS B 108 24.91 42.44 -10.58
C LYS B 108 25.89 43.13 -9.65
N ARG B 109 27.12 42.64 -9.63
CA ARG B 109 28.17 43.16 -8.76
C ARG B 109 29.43 43.29 -9.60
N THR B 110 30.54 43.58 -8.93
CA THR B 110 31.82 43.68 -9.61
C THR B 110 32.33 42.29 -9.98
N VAL B 111 33.10 42.24 -11.07
CA VAL B 111 33.73 40.99 -11.46
C VAL B 111 34.62 40.50 -10.33
N ALA B 112 34.52 39.21 -10.02
CA ALA B 112 35.34 38.58 -9.00
C ALA B 112 35.86 37.25 -9.54
N ALA B 113 37.18 37.08 -9.50
CA ALA B 113 37.79 35.85 -10.00
C ALA B 113 37.70 34.75 -8.94
N PRO B 114 37.45 33.51 -9.35
CA PRO B 114 37.28 32.43 -8.37
C PRO B 114 38.58 32.09 -7.67
N SER B 115 38.48 31.80 -6.38
CA SER B 115 39.58 31.17 -5.66
C SER B 115 39.41 29.67 -5.79
N VAL B 116 40.38 29.01 -6.41
CA VAL B 116 40.23 27.61 -6.79
C VAL B 116 40.95 26.72 -5.77
N PHE B 117 40.39 25.54 -5.56
CA PHE B 117 40.99 24.52 -4.71
C PHE B 117 40.71 23.15 -5.32
N ILE B 118 41.61 22.20 -5.07
CA ILE B 118 41.44 20.83 -5.53
C ILE B 118 41.66 19.90 -4.35
N PHE B 119 40.91 18.80 -4.31
CA PHE B 119 40.94 17.88 -3.17
C PHE B 119 40.95 16.44 -3.67
N PRO B 120 41.91 15.64 -3.20
CA PRO B 120 42.02 14.25 -3.65
C PRO B 120 41.02 13.37 -2.94
N PRO B 121 40.86 12.11 -3.37
CA PRO B 121 39.97 11.20 -2.65
C PRO B 121 40.52 10.88 -1.27
N SER B 122 39.63 10.89 -0.28
CA SER B 122 40.03 10.59 1.08
C SER B 122 40.28 9.09 1.25
N ASP B 123 41.28 8.77 2.07
CA ASP B 123 41.70 7.38 2.29
C ASP B 123 40.66 6.53 3.00
N GLU B 124 39.48 7.05 3.29
CA GLU B 124 38.38 6.22 3.77
C GLU B 124 37.45 5.80 2.64
N GLN B 125 37.46 6.54 1.54
CA GLN B 125 36.58 6.27 0.40
C GLN B 125 37.19 5.28 -0.59
N LEU B 126 38.52 5.17 -0.64
CA LEU B 126 39.15 4.21 -1.52
C LEU B 126 38.93 2.77 -1.07
N LYS B 127 38.48 2.56 0.17
CA LYS B 127 38.28 1.20 0.65
C LYS B 127 37.10 0.55 -0.03
N SER B 128 36.21 1.36 -0.61
CA SER B 128 35.17 0.87 -1.51
C SER B 128 35.67 1.04 -2.95
N GLY B 129 34.77 0.92 -3.92
CA GLY B 129 35.20 0.93 -5.31
C GLY B 129 35.13 2.27 -6.02
N THR B 130 35.15 3.38 -5.27
CA THR B 130 34.99 4.70 -5.85
C THR B 130 36.08 5.65 -5.36
N ALA B 131 36.33 6.68 -6.16
CA ALA B 131 37.24 7.76 -5.81
C ALA B 131 36.68 9.06 -6.35
N SER B 132 36.68 10.11 -5.54
CA SER B 132 36.09 11.38 -5.93
C SER B 132 37.11 12.49 -5.75
N VAL B 133 37.41 13.19 -6.84
CA VAL B 133 38.26 14.38 -6.79
C VAL B 133 37.35 15.61 -6.92
N VAL B 134 37.51 16.56 -6.00
CA VAL B 134 36.58 17.69 -5.91
C VAL B 134 37.33 18.98 -6.21
N CYS B 135 36.81 19.76 -7.15
CA CYS B 135 37.34 21.07 -7.49
C CYS B 135 36.36 22.13 -7.04
N LEU B 136 36.84 23.09 -6.24
CA LEU B 136 36.03 24.15 -5.67
C LEU B 136 36.41 25.49 -6.30
N LEU B 137 35.40 26.22 -6.76
CA LEU B 137 35.52 27.59 -7.26
C LEU B 137 34.79 28.46 -6.25
N ASN B 138 35.53 29.15 -5.38
CA ASN B 138 34.94 29.89 -4.28
C ASN B 138 34.81 31.37 -4.62
N ASN B 139 33.64 31.93 -4.33
CA ASN B 139 33.36 33.37 -4.28
C ASN B 139 33.83 34.08 -5.55
N PHE B 140 33.09 33.83 -6.62
CA PHE B 140 33.36 34.44 -7.91
C PHE B 140 32.08 35.02 -8.49
N TYR B 141 32.25 35.91 -9.47
CA TYR B 141 31.15 36.50 -10.19
C TYR B 141 31.67 36.98 -11.54
N PRO B 142 30.92 36.81 -12.63
CA PRO B 142 29.55 36.28 -12.71
C PRO B 142 29.46 34.74 -12.67
N ARG B 143 28.25 34.23 -12.93
CA ARG B 143 27.98 32.80 -12.81
C ARG B 143 28.85 31.99 -13.77
N GLU B 144 29.19 32.58 -14.93
CA GLU B 144 29.78 31.83 -16.02
C GLU B 144 31.20 31.39 -15.68
N ALA B 145 31.43 30.07 -15.66
CA ALA B 145 32.73 29.51 -15.31
C ALA B 145 32.84 28.13 -15.94
N LYS B 146 33.97 27.87 -16.61
CA LYS B 146 34.16 26.63 -17.35
C LYS B 146 35.31 25.85 -16.71
N VAL B 147 34.97 24.77 -16.01
CA VAL B 147 35.95 23.92 -15.36
C VAL B 147 36.08 22.63 -16.16
N GLN B 148 37.32 22.24 -16.45
CA GLN B 148 37.59 20.98 -17.12
C GLN B 148 38.53 20.13 -16.28
N TRP B 149 38.37 18.81 -16.40
CA TRP B 149 39.18 17.84 -15.69
C TRP B 149 40.16 17.18 -16.68
N LYS B 150 41.40 16.99 -16.23
CA LYS B 150 42.34 16.21 -17.03
C LYS B 150 43.17 15.32 -16.12
N VAL B 151 43.21 14.03 -16.44
CA VAL B 151 44.00 13.04 -15.72
C VAL B 151 45.08 12.54 -16.66
N ASP B 152 46.34 12.65 -16.24
CA ASP B 152 47.48 12.39 -17.12
C ASP B 152 47.33 13.12 -18.44
N ASN B 153 46.84 14.36 -18.36
CA ASN B 153 46.55 15.24 -19.49
C ASN B 153 45.45 14.70 -20.41
N ALA B 154 44.78 13.62 -20.02
CA ALA B 154 43.63 13.12 -20.77
C ALA B 154 42.38 13.85 -20.31
N LEU B 155 41.78 14.61 -21.22
CA LEU B 155 40.64 15.45 -20.88
C LEU B 155 39.41 14.59 -20.63
N GLN B 156 38.85 14.69 -19.43
CA GLN B 156 37.71 13.87 -19.05
C GLN B 156 36.42 14.40 -19.67
N SER B 157 35.52 13.47 -19.97
CA SER B 157 34.27 13.78 -20.66
C SER B 157 33.14 12.99 -20.01
N GLY B 158 32.12 13.70 -19.53
CA GLY B 158 30.93 13.04 -19.03
C GLY B 158 31.14 12.13 -17.84
N ASN B 159 32.07 12.48 -16.95
CA ASN B 159 32.20 11.75 -15.70
C ASN B 159 32.37 12.69 -14.52
N SER B 160 32.05 13.97 -14.69
CA SER B 160 32.01 14.93 -13.59
C SER B 160 30.62 15.53 -13.50
N GLN B 161 30.28 15.98 -12.29
CA GLN B 161 29.03 16.68 -12.04
C GLN B 161 29.32 18.04 -11.42
N GLU B 162 28.60 19.06 -11.88
CA GLU B 162 28.79 20.43 -11.43
C GLU B 162 27.58 20.87 -10.59
N SER B 163 27.86 21.57 -9.50
CA SER B 163 26.80 22.14 -8.68
C SER B 163 27.21 23.55 -8.25
N VAL B 164 26.32 24.51 -8.47
CA VAL B 164 26.56 25.91 -8.13
C VAL B 164 25.59 26.32 -7.04
N THR B 165 26.08 27.10 -6.08
CA THR B 165 25.25 27.55 -4.97
C THR B 165 24.47 28.81 -5.35
N GLU B 166 23.58 29.22 -4.46
CA GLU B 166 22.84 30.46 -4.68
C GLU B 166 23.72 31.66 -4.34
N GLN B 167 23.40 32.79 -4.96
CA GLN B 167 24.16 34.02 -4.75
C GLN B 167 24.29 34.32 -3.26
N ASP B 168 25.54 34.49 -2.81
CA ASP B 168 25.80 34.72 -1.41
C ASP B 168 25.07 35.98 -0.92
N SER B 169 24.71 35.98 0.36
CA SER B 169 23.91 37.08 0.90
C SER B 169 24.78 38.30 1.21
N LYS B 170 25.98 38.09 1.73
CA LYS B 170 26.85 39.20 2.09
C LYS B 170 27.71 39.69 0.93
N ASP B 171 28.12 38.79 0.03
CA ASP B 171 29.00 39.14 -1.08
C ASP B 171 28.31 39.17 -2.44
N SER B 172 27.16 38.50 -2.59
CA SER B 172 26.45 38.38 -3.85
C SER B 172 27.25 37.60 -4.90
N THR B 173 28.23 36.81 -4.48
CA THR B 173 29.00 35.97 -5.39
C THR B 173 28.42 34.56 -5.43
N TYR B 174 29.03 33.73 -6.26
CA TYR B 174 28.67 32.32 -6.38
C TYR B 174 29.84 31.45 -5.95
N SER B 175 29.52 30.20 -5.63
CA SER B 175 30.51 29.15 -5.46
C SER B 175 30.07 27.95 -6.29
N LEU B 176 31.05 27.17 -6.73
CA LEU B 176 30.81 26.07 -7.64
C LEU B 176 31.68 24.89 -7.26
N SER B 177 31.21 23.68 -7.55
CA SER B 177 31.97 22.49 -7.26
C SER B 177 31.81 21.51 -8.40
N SER B 178 32.94 21.04 -8.93
CA SER B 178 32.98 19.98 -9.93
C SER B 178 33.53 18.73 -9.28
N THR B 179 32.71 17.69 -9.19
CA THR B 179 33.09 16.43 -8.59
C THR B 179 33.29 15.39 -9.69
N LEU B 180 34.50 14.88 -9.79
CA LEU B 180 34.82 13.83 -10.76
C LEU B 180 34.90 12.50 -10.02
N THR B 181 34.04 11.56 -10.42
CA THR B 181 33.99 10.23 -9.83
C THR B 181 34.64 9.23 -10.77
N LEU B 182 35.61 8.48 -10.26
CA LEU B 182 36.22 7.39 -11.01
C LEU B 182 36.15 6.11 -10.18
N SER B 183 36.39 4.99 -10.85
CA SER B 183 36.64 3.76 -10.12
C SER B 183 38.01 3.82 -9.46
N LYS B 184 38.14 3.13 -8.33
CA LYS B 184 39.43 3.09 -7.65
C LYS B 184 40.51 2.53 -8.55
N ALA B 185 40.17 1.54 -9.38
CA ALA B 185 41.12 1.00 -10.34
C ALA B 185 41.59 2.07 -11.30
N ASP B 186 40.65 2.86 -11.85
CA ASP B 186 41.04 3.95 -12.73
C ASP B 186 41.81 5.03 -12.00
N TYR B 187 41.53 5.23 -10.71
CA TYR B 187 42.21 6.29 -9.97
C TYR B 187 43.67 5.93 -9.74
N GLU B 188 43.95 4.74 -9.21
CA GLU B 188 45.32 4.38 -8.90
C GLU B 188 46.13 4.04 -10.14
N LYS B 189 45.51 4.00 -11.32
CA LYS B 189 46.23 3.83 -12.57
C LYS B 189 46.82 5.13 -13.10
N HIS B 190 46.50 6.27 -12.50
CA HIS B 190 46.94 7.56 -13.00
C HIS B 190 47.55 8.38 -11.88
N LYS B 191 48.36 9.37 -12.26
CA LYS B 191 49.19 10.11 -11.31
C LYS B 191 48.78 11.57 -11.19
N VAL B 192 48.83 12.34 -12.28
CA VAL B 192 48.55 13.77 -12.24
C VAL B 192 47.06 13.98 -12.47
N TYR B 193 46.40 14.67 -11.52
CA TYR B 193 44.99 14.99 -11.63
C TYR B 193 44.85 16.50 -11.55
N ALA B 194 44.27 17.11 -12.59
CA ALA B 194 44.27 18.55 -12.74
C ALA B 194 42.88 19.07 -13.04
N CYS B 195 42.57 20.24 -12.48
CA CYS B 195 41.31 20.95 -12.68
C CYS B 195 41.64 22.34 -13.20
N GLU B 196 41.24 22.62 -14.44
CA GLU B 196 41.52 23.90 -15.09
C GLU B 196 40.25 24.74 -15.12
N VAL B 197 40.36 25.96 -14.61
CA VAL B 197 39.23 26.87 -14.45
C VAL B 197 39.39 28.02 -15.43
N THR B 198 38.33 28.27 -16.20
CA THR B 198 38.24 29.41 -17.11
C THR B 198 37.14 30.33 -16.60
N HIS B 199 37.44 31.62 -16.54
CA HIS B 199 36.53 32.61 -16.01
C HIS B 199 36.91 33.98 -16.58
N GLN B 200 35.93 34.86 -16.70
CA GLN B 200 36.20 36.16 -17.29
C GLN B 200 37.00 37.07 -16.37
N GLY B 201 37.04 36.77 -15.09
CA GLY B 201 37.89 37.50 -14.16
C GLY B 201 39.30 36.99 -14.05
N LEU B 202 39.71 36.08 -14.93
CA LEU B 202 41.03 35.47 -14.88
C LEU B 202 41.82 35.86 -16.13
N SER B 203 43.02 36.41 -15.93
CA SER B 203 43.89 36.72 -17.05
C SER B 203 44.10 35.51 -17.95
N SER B 204 44.31 34.34 -17.34
CA SER B 204 44.41 33.08 -18.07
C SER B 204 43.83 31.99 -17.17
N PRO B 205 43.45 30.84 -17.76
CA PRO B 205 42.92 29.74 -16.95
C PRO B 205 43.82 29.40 -15.77
N VAL B 206 43.20 29.02 -14.66
CA VAL B 206 43.89 28.66 -13.43
C VAL B 206 43.84 27.13 -13.31
N THR B 207 44.99 26.49 -13.37
CA THR B 207 45.08 25.04 -13.24
C THR B 207 45.56 24.69 -11.85
N LYS B 208 44.73 23.98 -11.09
CA LYS B 208 45.09 23.45 -9.79
C LYS B 208 45.11 21.93 -9.87
N SER B 209 46.24 21.33 -9.49
CA SER B 209 46.45 19.91 -9.71
C SER B 209 47.15 19.28 -8.53
N PHE B 210 47.19 17.95 -8.55
CA PHE B 210 47.91 17.19 -7.53
C PHE B 210 48.40 15.88 -8.13
N ASN B 211 49.23 15.19 -7.36
CA ASN B 211 49.76 13.89 -7.71
C ASN B 211 49.25 12.85 -6.73
N ARG B 212 49.03 11.63 -7.24
CA ARG B 212 48.54 10.56 -6.39
C ARG B 212 49.60 10.17 -5.36
N GLY B 213 49.28 10.37 -4.08
CA GLY B 213 50.21 10.07 -3.01
C GLY B 213 50.21 11.12 -1.90
N GLN C 1 -13.40 -19.87 -20.91
CA GLN C 1 -14.30 -18.96 -20.23
C GLN C 1 -13.50 -17.84 -19.52
N VAL C 2 -12.63 -18.21 -18.59
CA VAL C 2 -11.82 -17.26 -17.85
C VAL C 2 -10.49 -17.12 -18.58
N GLN C 3 -10.13 -15.88 -18.93
CA GLN C 3 -8.90 -15.61 -19.65
C GLN C 3 -8.12 -14.52 -18.93
N LEU C 4 -6.79 -14.64 -18.97
CA LEU C 4 -5.87 -13.59 -18.54
C LEU C 4 -5.01 -13.24 -19.74
N VAL C 5 -5.28 -12.11 -20.37
CA VAL C 5 -4.55 -11.70 -21.57
C VAL C 5 -3.50 -10.66 -21.15
N GLN C 6 -2.24 -10.94 -21.45
CA GLN C 6 -1.14 -10.07 -21.09
C GLN C 6 -0.65 -9.31 -22.32
N SER C 7 0.13 -8.27 -22.06
CA SER C 7 0.72 -7.48 -23.13
C SER C 7 1.77 -8.30 -23.87
N GLY C 8 2.18 -7.79 -25.03
CA GLY C 8 3.23 -8.43 -25.79
C GLY C 8 4.61 -8.23 -25.19
N ALA C 9 5.57 -8.94 -25.78
CA ALA C 9 6.94 -8.90 -25.29
C ALA C 9 7.54 -7.51 -25.47
N GLU C 10 8.55 -7.21 -24.66
CA GLU C 10 9.13 -5.87 -24.65
C GLU C 10 10.63 -5.95 -24.37
N VAL C 11 11.40 -5.19 -25.13
CA VAL C 11 12.83 -5.02 -24.93
C VAL C 11 13.07 -3.65 -24.29
N LYS C 12 13.81 -3.64 -23.19
CA LYS C 12 14.06 -2.42 -22.44
C LYS C 12 15.51 -2.36 -21.99
N LYS C 13 16.11 -1.18 -22.09
CA LYS C 13 17.52 -1.00 -21.77
C LYS C 13 17.75 -1.12 -20.26
N PRO C 14 18.99 -1.37 -19.84
CA PRO C 14 19.27 -1.47 -18.41
C PRO C 14 19.01 -0.16 -17.68
N GLY C 15 18.49 -0.27 -16.46
CA GLY C 15 18.11 0.88 -15.68
C GLY C 15 16.73 1.44 -15.98
N ALA C 16 16.07 0.93 -17.01
CA ALA C 16 14.74 1.42 -17.38
C ALA C 16 13.66 0.81 -16.50
N SER C 17 12.41 0.84 -16.97
CA SER C 17 11.28 0.39 -16.17
C SER C 17 10.20 -0.14 -17.11
N VAL C 18 9.78 -1.38 -16.88
CA VAL C 18 8.82 -2.07 -17.73
C VAL C 18 7.50 -2.21 -16.99
N LYS C 19 6.40 -1.94 -17.71
CA LYS C 19 5.06 -2.09 -17.15
C LYS C 19 4.31 -3.12 -17.98
N VAL C 20 3.89 -4.21 -17.33
CA VAL C 20 3.12 -5.27 -17.97
C VAL C 20 1.66 -5.12 -17.56
N SER C 21 0.77 -5.33 -18.53
CA SER C 21 -0.67 -5.31 -18.33
C SER C 21 -1.23 -6.73 -18.30
N CYS C 22 -2.40 -6.86 -17.67
CA CYS C 22 -3.06 -8.16 -17.56
C CYS C 22 -4.56 -7.90 -17.47
N LYS C 23 -5.27 -8.09 -18.58
CA LYS C 23 -6.71 -7.89 -18.63
C LYS C 23 -7.43 -9.22 -18.42
N ALA C 24 -8.48 -9.18 -17.61
CA ALA C 24 -9.23 -10.37 -17.22
C ALA C 24 -10.51 -10.49 -18.03
N SER C 25 -10.90 -11.74 -18.29
CA SER C 25 -12.11 -12.04 -19.03
C SER C 25 -12.79 -13.25 -18.40
N GLY C 26 -14.12 -13.28 -18.52
CA GLY C 26 -14.91 -14.43 -18.12
C GLY C 26 -15.34 -14.48 -16.67
N TYR C 27 -14.99 -13.48 -15.85
CA TYR C 27 -15.35 -13.48 -14.46
C TYR C 27 -15.38 -12.04 -13.96
N ILE C 28 -15.71 -11.88 -12.68
CA ILE C 28 -15.82 -10.56 -12.06
C ILE C 28 -14.43 -10.15 -11.58
N PHE C 29 -13.87 -9.12 -12.22
CA PHE C 29 -12.49 -8.71 -11.98
C PHE C 29 -12.24 -8.33 -10.53
N ILE C 30 -13.26 -7.80 -9.84
CA ILE C 30 -13.04 -7.19 -8.54
C ILE C 30 -13.11 -8.17 -7.38
N SER C 31 -13.37 -9.45 -7.64
CA SER C 31 -13.64 -10.40 -6.57
C SER C 31 -12.47 -11.34 -6.26
N TYR C 32 -11.46 -11.42 -7.13
CA TYR C 32 -10.37 -12.38 -6.97
C TYR C 32 -9.04 -11.66 -6.99
N PHE C 33 -8.21 -11.93 -5.99
CA PHE C 33 -6.87 -11.37 -5.95
C PHE C 33 -6.08 -11.77 -7.18
N MET C 34 -5.01 -11.02 -7.45
CA MET C 34 -4.13 -11.28 -8.59
C MET C 34 -2.70 -11.51 -8.10
N HIS C 35 -2.04 -12.50 -8.69
CA HIS C 35 -0.66 -12.81 -8.40
C HIS C 35 0.21 -12.44 -9.60
N TRP C 36 1.40 -11.95 -9.32
CA TRP C 36 2.45 -11.78 -10.32
C TRP C 36 3.62 -12.67 -9.93
N VAL C 37 4.12 -13.42 -10.91
CA VAL C 37 5.19 -14.40 -10.72
C VAL C 37 6.05 -14.44 -11.98
N ARG C 38 7.36 -14.55 -11.84
CA ARG C 38 8.21 -14.53 -13.01
C ARG C 38 9.04 -15.81 -13.14
N GLN C 39 9.60 -16.00 -14.32
CA GLN C 39 10.43 -17.17 -14.61
C GLN C 39 11.58 -16.75 -15.51
N ALA C 40 12.80 -16.87 -14.99
CA ALA C 40 13.98 -16.67 -15.81
C ALA C 40 14.15 -17.87 -16.76
N PRO C 41 14.49 -17.63 -18.02
CA PRO C 41 14.54 -18.74 -18.99
C PRO C 41 15.61 -19.78 -18.66
N GLY C 42 15.26 -20.76 -17.83
CA GLY C 42 16.18 -21.80 -17.45
C GLY C 42 15.92 -22.35 -16.07
N GLN C 43 15.44 -21.50 -15.16
CA GLN C 43 15.17 -21.89 -13.79
C GLN C 43 13.65 -21.94 -13.55
N GLY C 44 13.26 -21.95 -12.28
CA GLY C 44 11.88 -22.15 -11.89
C GLY C 44 11.10 -20.86 -11.74
N LEU C 45 10.06 -20.94 -10.92
CA LEU C 45 9.10 -19.85 -10.76
C LEU C 45 9.44 -19.04 -9.52
N GLU C 46 9.26 -17.72 -9.62
CA GLU C 46 9.55 -16.80 -8.54
C GLU C 46 8.32 -15.94 -8.27
N TRP C 47 7.84 -15.93 -7.03
CA TRP C 47 6.66 -15.16 -6.66
C TRP C 47 7.04 -13.68 -6.54
N MET C 48 6.36 -12.83 -7.30
CA MET C 48 6.63 -11.41 -7.20
C MET C 48 5.68 -10.71 -6.22
N GLY C 49 4.39 -10.99 -6.27
CA GLY C 49 3.52 -10.38 -5.28
C GLY C 49 2.06 -10.56 -5.58
N ILE C 50 1.24 -10.10 -4.63
CA ILE C 50 -0.20 -10.20 -4.72
C ILE C 50 -0.82 -8.81 -4.60
N ILE C 51 -1.93 -8.62 -5.31
CA ILE C 51 -2.68 -7.36 -5.28
C ILE C 51 -4.17 -7.67 -5.27
N ASN C 52 -4.91 -7.00 -4.38
CA ASN C 52 -6.36 -7.02 -4.36
C ASN C 52 -6.88 -6.01 -5.37
N PRO C 53 -7.54 -6.45 -6.44
CA PRO C 53 -7.97 -5.52 -7.49
C PRO C 53 -9.22 -4.74 -7.17
N SER C 54 -9.86 -4.98 -6.02
CA SER C 54 -10.93 -4.11 -5.57
C SER C 54 -10.36 -2.88 -4.87
N SER C 55 -9.64 -3.10 -3.78
CA SER C 55 -9.07 -1.99 -3.02
C SER C 55 -7.79 -1.47 -3.65
N GLY C 56 -6.85 -2.37 -3.95
CA GLY C 56 -5.55 -1.99 -4.47
C GLY C 56 -4.41 -2.21 -3.53
N ASP C 57 -4.67 -2.67 -2.31
CA ASP C 57 -3.58 -2.97 -1.37
C ASP C 57 -2.80 -4.18 -1.88
N THR C 58 -1.50 -4.18 -1.59
CA THR C 58 -0.61 -5.19 -2.14
C THR C 58 0.23 -5.82 -1.05
N ARG C 59 0.91 -6.90 -1.44
CA ARG C 59 2.03 -7.44 -0.67
C ARG C 59 3.04 -7.98 -1.65
N TYR C 60 4.26 -7.46 -1.59
CA TYR C 60 5.32 -7.86 -2.50
C TYR C 60 6.26 -8.86 -1.84
N ALA C 61 6.98 -9.60 -2.67
CA ALA C 61 8.08 -10.42 -2.18
C ALA C 61 9.26 -9.52 -1.85
N GLN C 62 9.99 -9.88 -0.78
CA GLN C 62 11.04 -9.01 -0.26
C GLN C 62 12.09 -8.70 -1.32
N LYS C 63 12.31 -9.61 -2.27
CA LYS C 63 13.31 -9.40 -3.30
C LYS C 63 12.94 -8.25 -4.22
N PHE C 64 11.64 -7.97 -4.36
CA PHE C 64 11.16 -6.96 -5.30
C PHE C 64 10.55 -5.74 -4.64
N GLN C 65 10.54 -5.67 -3.30
CA GLN C 65 9.73 -4.68 -2.60
C GLN C 65 10.11 -3.25 -2.96
N GLY C 66 11.38 -2.97 -3.15
CA GLY C 66 11.79 -1.63 -3.48
C GLY C 66 11.79 -1.32 -4.96
N ARG C 67 11.32 -2.24 -5.78
CA ARG C 67 11.55 -2.14 -7.21
C ARG C 67 10.30 -2.31 -8.05
N VAL C 68 9.18 -2.76 -7.48
CA VAL C 68 8.01 -3.17 -8.23
C VAL C 68 6.78 -2.51 -7.63
N THR C 69 5.85 -2.11 -8.51
CA THR C 69 4.55 -1.57 -8.13
C THR C 69 3.47 -2.43 -8.78
N MET C 70 2.37 -2.64 -8.06
CA MET C 70 1.21 -3.34 -8.59
C MET C 70 0.01 -2.41 -8.50
N THR C 71 -0.54 -2.05 -9.66
CA THR C 71 -1.64 -1.11 -9.75
C THR C 71 -2.83 -1.78 -10.42
N ARG C 72 -3.96 -1.07 -10.44
CA ARG C 72 -5.23 -1.65 -10.80
C ARG C 72 -6.04 -0.66 -11.62
N ASP C 73 -6.92 -1.20 -12.47
CA ASP C 73 -7.80 -0.39 -13.31
C ASP C 73 -9.10 -1.17 -13.46
N THR C 74 -10.14 -0.75 -12.73
CA THR C 74 -11.40 -1.49 -12.67
C THR C 74 -12.22 -1.31 -13.94
N SER C 75 -12.21 -0.10 -14.51
CA SER C 75 -12.97 0.15 -15.73
C SER C 75 -12.47 -0.69 -16.90
N THR C 76 -11.22 -1.17 -16.83
CA THR C 76 -10.66 -2.02 -17.87
C THR C 76 -10.59 -3.48 -17.50
N ASN C 77 -10.85 -3.83 -16.24
CA ASN C 77 -10.56 -5.16 -15.70
C ASN C 77 -9.09 -5.51 -15.95
N THR C 78 -8.21 -4.57 -15.61
CA THR C 78 -6.79 -4.70 -15.89
C THR C 78 -5.96 -4.54 -14.63
N VAL C 79 -4.93 -5.36 -14.51
CA VAL C 79 -3.94 -5.30 -13.44
C VAL C 79 -2.60 -4.95 -14.08
N TYR C 80 -1.89 -4.00 -13.48
CA TYR C 80 -0.61 -3.55 -13.99
C TYR C 80 0.48 -3.91 -13.00
N MET C 81 1.66 -4.26 -13.53
CA MET C 81 2.84 -4.49 -12.72
C MET C 81 4.01 -3.76 -13.37
N GLU C 82 4.60 -2.80 -12.63
CA GLU C 82 5.72 -2.02 -13.14
C GLU C 82 6.97 -2.34 -12.32
N LEU C 83 8.03 -2.74 -13.03
CA LEU C 83 9.32 -3.09 -12.43
C LEU C 83 10.36 -2.13 -12.99
N SER C 84 10.98 -1.35 -12.10
CA SER C 84 11.92 -0.31 -12.48
C SER C 84 13.33 -0.71 -12.08
N SER C 85 14.32 0.10 -12.46
CA SER C 85 15.73 -0.21 -12.21
C SER C 85 16.07 -1.61 -12.73
N LEU C 86 15.86 -1.80 -14.04
CA LEU C 86 16.00 -3.11 -14.66
C LEU C 86 17.45 -3.57 -14.71
N ARG C 87 17.77 -4.66 -14.00
CA ARG C 87 19.05 -5.35 -14.09
C ARG C 87 19.06 -6.26 -15.32
N SER C 88 20.23 -6.83 -15.62
CA SER C 88 20.32 -7.77 -16.73
C SER C 88 19.57 -9.06 -16.44
N ASP C 89 19.66 -9.55 -15.20
CA ASP C 89 18.99 -10.76 -14.76
C ASP C 89 17.50 -10.56 -14.51
N ASP C 90 16.92 -9.46 -14.98
CA ASP C 90 15.48 -9.29 -14.99
C ASP C 90 14.84 -9.79 -16.26
N THR C 91 15.65 -10.20 -17.24
CA THR C 91 15.14 -10.87 -18.43
C THR C 91 14.40 -12.14 -18.02
N ALA C 92 13.10 -12.18 -18.29
CA ALA C 92 12.28 -13.28 -17.83
C ALA C 92 10.92 -13.20 -18.50
N VAL C 93 10.14 -14.26 -18.36
CA VAL C 93 8.74 -14.22 -18.76
C VAL C 93 7.92 -14.03 -17.48
N TYR C 94 7.10 -12.99 -17.47
CA TYR C 94 6.29 -12.60 -16.32
C TYR C 94 4.86 -13.09 -16.53
N TYR C 95 4.23 -13.55 -15.45
CA TYR C 95 2.88 -14.10 -15.49
C TYR C 95 2.02 -13.39 -14.45
N CYS C 96 0.78 -13.13 -14.84
CA CYS C 96 -0.28 -12.87 -13.88
C CYS C 96 -1.12 -14.15 -13.75
N ALA C 97 -1.67 -14.34 -12.56
CA ALA C 97 -2.52 -15.49 -12.32
C ALA C 97 -3.59 -15.11 -11.31
N ARG C 98 -4.67 -15.88 -11.29
CA ARG C 98 -5.79 -15.61 -10.41
C ARG C 98 -5.80 -16.59 -9.23
N ARG C 99 -6.19 -16.09 -8.06
CA ARG C 99 -6.47 -16.94 -6.92
C ARG C 99 -7.96 -17.21 -6.87
N PRO C 100 -8.44 -18.40 -7.28
CA PRO C 100 -9.87 -18.74 -7.35
C PRO C 100 -10.58 -18.60 -6.01
N GLU C 104 -11.16 -19.09 2.70
CA GLU C 104 -10.48 -20.02 3.64
C GLU C 104 -9.01 -19.58 3.80
N ARG C 105 -8.52 -18.77 2.87
CA ARG C 105 -7.14 -18.29 2.91
C ARG C 105 -6.17 -19.30 2.29
N HIS C 106 -6.67 -20.37 1.68
CA HIS C 106 -5.86 -21.14 0.74
C HIS C 106 -5.52 -20.25 -0.47
N ASN C 107 -4.36 -20.51 -1.07
CA ASN C 107 -3.86 -19.55 -2.07
C ASN C 107 -3.10 -20.31 -3.16
N TRP C 108 -3.83 -20.73 -4.19
CA TRP C 108 -3.24 -21.32 -5.37
C TRP C 108 -3.71 -20.54 -6.61
N LEU C 109 -3.11 -20.87 -7.75
CA LEU C 109 -3.18 -20.03 -8.94
C LEU C 109 -3.77 -20.81 -10.10
N ASP C 110 -4.82 -20.24 -10.71
CA ASP C 110 -5.38 -20.65 -12.01
C ASP C 110 -6.60 -19.80 -12.32
N PRO C 111 -6.76 -19.37 -13.58
CA PRO C 111 -5.82 -19.65 -14.67
C PRO C 111 -4.60 -18.74 -14.64
N TRP C 112 -3.76 -18.86 -15.65
CA TRP C 112 -2.59 -18.02 -15.80
C TRP C 112 -2.70 -17.23 -17.11
N GLY C 113 -1.91 -16.18 -17.22
CA GLY C 113 -1.78 -15.47 -18.47
C GLY C 113 -0.85 -16.21 -19.42
N GLN C 114 -0.82 -15.74 -20.67
CA GLN C 114 0.08 -16.31 -21.67
C GLN C 114 1.53 -15.98 -21.40
N GLY C 115 1.82 -15.11 -20.44
CA GLY C 115 3.17 -14.69 -20.17
C GLY C 115 3.60 -13.55 -21.05
N THR C 116 4.45 -12.67 -20.51
CA THR C 116 5.03 -11.56 -21.25
C THR C 116 6.54 -11.66 -21.14
N LEU C 117 7.22 -11.69 -22.28
CA LEU C 117 8.68 -11.78 -22.28
C LEU C 117 9.27 -10.39 -22.15
N VAL C 118 10.00 -10.15 -21.07
CA VAL C 118 10.71 -8.90 -20.85
C VAL C 118 12.19 -9.20 -21.05
N THR C 119 12.74 -8.68 -22.14
CA THR C 119 14.16 -8.79 -22.47
C THR C 119 14.83 -7.47 -22.13
N VAL C 120 15.88 -7.53 -21.33
CA VAL C 120 16.60 -6.35 -20.90
C VAL C 120 18.04 -6.48 -21.38
N SER C 121 18.43 -5.61 -22.30
CA SER C 121 19.78 -5.61 -22.85
C SER C 121 20.13 -4.20 -23.30
N SER C 122 21.42 -3.91 -23.36
CA SER C 122 21.88 -2.64 -23.89
C SER C 122 21.93 -2.63 -25.41
N ALA C 123 21.94 -3.80 -26.04
CA ALA C 123 22.03 -3.90 -27.48
C ALA C 123 20.74 -3.37 -28.12
N SER C 124 20.82 -3.14 -29.43
CA SER C 124 19.71 -2.60 -30.20
C SER C 124 19.33 -3.56 -31.32
N THR C 125 18.21 -3.25 -31.97
CA THR C 125 17.69 -4.09 -33.04
C THR C 125 18.71 -4.23 -34.17
N LYS C 126 18.84 -5.46 -34.67
CA LYS C 126 19.80 -5.73 -35.73
C LYS C 126 19.36 -6.99 -36.48
N GLY C 127 19.43 -6.93 -37.81
CA GLY C 127 19.16 -8.08 -38.62
C GLY C 127 20.27 -9.11 -38.51
N PRO C 128 19.95 -10.37 -38.74
CA PRO C 128 20.96 -11.43 -38.67
C PRO C 128 21.72 -11.59 -39.97
N SER C 129 22.98 -11.94 -39.83
CA SER C 129 23.82 -12.31 -40.96
C SER C 129 23.96 -13.83 -40.97
N VAL C 130 23.69 -14.44 -42.12
CA VAL C 130 23.47 -15.87 -42.22
C VAL C 130 24.54 -16.49 -43.12
N PHE C 131 25.12 -17.60 -42.66
CA PHE C 131 26.17 -18.29 -43.38
C PHE C 131 25.91 -19.78 -43.34
N PRO C 132 26.06 -20.46 -44.48
CA PRO C 132 25.70 -21.88 -44.55
C PRO C 132 26.71 -22.78 -43.86
N LEU C 133 26.34 -24.05 -43.75
CA LEU C 133 27.19 -25.12 -43.26
C LEU C 133 26.99 -26.27 -44.25
N ALA C 134 27.93 -26.38 -45.19
CA ALA C 134 28.01 -27.29 -46.34
C ALA C 134 28.61 -28.63 -45.93
N PRO C 135 28.05 -29.74 -46.45
CA PRO C 135 28.47 -31.12 -46.17
C PRO C 135 29.99 -31.32 -46.19
N THR C 144 24.06 -41.07 -45.27
CA THR C 144 23.30 -39.93 -44.76
C THR C 144 24.24 -38.83 -44.27
N ALA C 145 24.12 -37.64 -44.87
CA ALA C 145 24.95 -36.50 -44.52
C ALA C 145 24.08 -35.35 -44.03
N ALA C 146 24.68 -34.48 -43.22
CA ALA C 146 23.97 -33.37 -42.62
C ALA C 146 24.52 -32.04 -43.15
N LEU C 147 23.71 -31.01 -43.03
CA LEU C 147 24.07 -29.66 -43.48
C LEU C 147 23.02 -28.69 -42.96
N GLY C 148 23.40 -27.42 -42.87
CA GLY C 148 22.48 -26.48 -42.29
C GLY C 148 22.78 -25.04 -42.63
N CYS C 149 22.11 -24.14 -41.91
CA CYS C 149 22.37 -22.71 -41.96
C CYS C 149 22.72 -22.23 -40.56
N LEU C 150 23.51 -21.16 -40.49
CA LEU C 150 23.99 -20.58 -39.24
C LEU C 150 23.59 -19.12 -39.22
N VAL C 151 22.74 -18.75 -38.27
CA VAL C 151 22.19 -17.40 -38.16
C VAL C 151 22.95 -16.71 -37.04
N LYS C 152 23.85 -15.79 -37.39
CA LYS C 152 24.73 -15.16 -36.41
C LYS C 152 24.45 -13.67 -36.33
N ASP C 153 24.59 -13.13 -35.11
CA ASP C 153 24.61 -11.69 -34.89
C ASP C 153 23.25 -11.08 -35.22
N TYR C 154 22.35 -11.07 -34.24
CA TYR C 154 21.05 -10.43 -34.39
C TYR C 154 20.51 -10.11 -33.00
N PHE C 155 19.51 -9.25 -32.98
CA PHE C 155 18.86 -8.83 -31.74
C PHE C 155 17.58 -8.07 -32.08
N PRO C 156 16.49 -8.29 -31.34
CA PRO C 156 16.41 -9.29 -30.28
C PRO C 156 15.83 -10.61 -30.78
N GLU C 157 15.62 -11.56 -29.87
CA GLU C 157 14.89 -12.76 -30.22
C GLU C 157 13.48 -12.38 -30.68
N PRO C 158 12.86 -13.18 -31.56
CA PRO C 158 13.35 -14.45 -32.10
C PRO C 158 13.73 -14.41 -33.57
N VAL C 159 14.17 -15.55 -34.09
CA VAL C 159 14.30 -15.80 -35.51
C VAL C 159 13.58 -17.09 -35.84
N THR C 160 13.10 -17.20 -37.07
CA THR C 160 12.40 -18.40 -37.52
C THR C 160 13.07 -18.93 -38.79
N VAL C 161 13.42 -20.21 -38.77
CA VAL C 161 14.04 -20.87 -39.91
C VAL C 161 13.29 -22.15 -40.18
N SER C 162 13.18 -22.51 -41.46
CA SER C 162 12.68 -23.80 -41.88
C SER C 162 13.27 -24.09 -43.26
N TRP C 163 12.92 -25.25 -43.81
CA TRP C 163 13.64 -25.79 -44.96
C TRP C 163 12.65 -26.09 -46.08
N ASN C 164 12.91 -25.49 -47.26
CA ASN C 164 12.15 -25.75 -48.48
C ASN C 164 10.69 -25.33 -48.34
N SER C 165 10.48 -24.08 -47.91
CA SER C 165 9.14 -23.52 -47.72
C SER C 165 8.28 -24.37 -46.79
N GLY C 166 8.90 -25.23 -45.98
CA GLY C 166 8.16 -26.21 -45.22
C GLY C 166 8.02 -27.57 -45.88
N ALA C 167 8.71 -27.80 -47.00
CA ALA C 167 8.66 -29.09 -47.66
C ALA C 167 9.70 -30.08 -47.15
N LEU C 168 10.64 -29.62 -46.32
CA LEU C 168 11.54 -30.48 -45.58
C LEU C 168 11.21 -30.31 -44.10
N THR C 169 10.90 -31.41 -43.42
CA THR C 169 10.44 -31.30 -42.04
C THR C 169 11.08 -32.34 -41.13
N SER C 170 11.11 -33.60 -41.56
CA SER C 170 11.64 -34.68 -40.72
C SER C 170 13.14 -34.80 -40.94
N GLY C 171 13.90 -34.68 -39.87
CA GLY C 171 15.34 -34.56 -39.93
C GLY C 171 15.85 -33.16 -39.66
N VAL C 172 14.94 -32.19 -39.50
CA VAL C 172 15.28 -30.81 -39.25
C VAL C 172 15.41 -30.59 -37.75
N HIS C 173 16.46 -29.86 -37.35
CA HIS C 173 16.72 -29.56 -35.96
C HIS C 173 17.17 -28.10 -35.85
N THR C 174 16.33 -27.27 -35.24
CA THR C 174 16.65 -25.86 -35.00
C THR C 174 17.02 -25.70 -33.53
N PHE C 175 18.25 -25.26 -33.27
CA PHE C 175 18.73 -25.19 -31.90
C PHE C 175 18.32 -23.88 -31.25
N PRO C 176 18.11 -23.88 -29.93
CA PRO C 176 17.80 -22.63 -29.23
C PRO C 176 18.90 -21.61 -29.41
N ALA C 177 18.50 -20.34 -29.42
CA ALA C 177 19.46 -19.26 -29.61
C ALA C 177 20.39 -19.14 -28.41
N VAL C 178 21.60 -18.66 -28.67
CA VAL C 178 22.60 -18.44 -27.65
C VAL C 178 22.94 -16.95 -27.63
N LEU C 179 23.12 -16.40 -26.44
CA LEU C 179 23.52 -15.00 -26.29
C LEU C 179 25.04 -14.93 -26.24
N GLN C 180 25.63 -14.31 -27.26
CA GLN C 180 27.07 -14.09 -27.26
C GLN C 180 27.42 -12.91 -26.34
N SER C 181 28.73 -12.70 -26.16
CA SER C 181 29.20 -11.63 -25.29
C SER C 181 29.06 -10.24 -25.91
N SER C 182 28.74 -10.16 -27.20
CA SER C 182 28.44 -8.88 -27.82
C SER C 182 27.03 -8.39 -27.52
N GLY C 183 26.22 -9.19 -26.84
CA GLY C 183 24.81 -8.90 -26.65
C GLY C 183 23.92 -9.36 -27.78
N LEU C 184 24.48 -10.02 -28.79
CA LEU C 184 23.75 -10.49 -29.95
C LEU C 184 23.57 -11.99 -29.87
N TYR C 185 22.51 -12.49 -30.52
CA TYR C 185 22.18 -13.90 -30.49
C TYR C 185 22.65 -14.59 -31.77
N SER C 186 22.69 -15.93 -31.70
CA SER C 186 23.10 -16.74 -32.84
C SER C 186 22.63 -18.16 -32.61
N LEU C 187 22.06 -18.77 -33.66
CA LEU C 187 21.65 -20.16 -33.63
C LEU C 187 22.08 -20.84 -34.92
N SER C 188 21.70 -22.11 -35.04
CA SER C 188 21.93 -22.86 -36.27
C SER C 188 20.75 -23.82 -36.45
N SER C 189 20.49 -24.16 -37.71
CA SER C 189 19.47 -25.13 -38.05
C SER C 189 20.08 -26.15 -39.00
N VAL C 190 19.95 -27.43 -38.67
CA VAL C 190 20.59 -28.50 -39.41
C VAL C 190 19.53 -29.46 -39.93
N VAL C 191 19.90 -30.20 -40.98
CA VAL C 191 19.09 -31.28 -41.51
C VAL C 191 20.02 -32.45 -41.82
N THR C 192 19.53 -33.66 -41.60
CA THR C 192 20.25 -34.89 -41.92
C THR C 192 19.53 -35.54 -43.10
N VAL C 193 20.02 -35.26 -44.30
CA VAL C 193 19.38 -35.74 -45.52
C VAL C 193 20.18 -36.94 -46.04
N PRO C 194 19.60 -37.79 -46.87
CA PRO C 194 20.35 -38.95 -47.37
C PRO C 194 21.56 -38.55 -48.20
N SER C 195 22.63 -39.34 -48.06
CA SER C 195 23.80 -39.21 -48.91
C SER C 195 23.63 -39.93 -50.25
N SER C 196 22.44 -39.83 -50.84
CA SER C 196 22.19 -40.20 -52.23
C SER C 196 21.58 -39.06 -53.03
N SER C 197 20.77 -38.21 -52.40
CA SER C 197 20.31 -36.97 -52.99
C SER C 197 21.28 -35.81 -52.76
N LEU C 198 22.55 -36.12 -52.49
CA LEU C 198 23.55 -35.09 -52.24
C LEU C 198 23.71 -34.20 -53.47
N GLY C 199 23.52 -32.90 -53.30
CA GLY C 199 23.65 -31.98 -54.40
C GLY C 199 22.62 -32.15 -55.50
N THR C 200 21.62 -33.03 -55.31
CA THR C 200 20.59 -33.21 -56.32
C THR C 200 19.38 -32.36 -56.00
N GLN C 201 18.74 -32.62 -54.86
CA GLN C 201 17.61 -31.79 -54.51
C GLN C 201 18.07 -30.59 -53.67
N THR C 202 17.16 -29.65 -53.50
CA THR C 202 17.47 -28.31 -53.04
C THR C 202 17.04 -28.14 -51.59
N TYR C 203 17.97 -27.67 -50.76
CA TYR C 203 17.76 -27.48 -49.32
C TYR C 203 18.04 -26.03 -48.98
N ILE C 204 17.01 -25.18 -49.07
CA ILE C 204 17.13 -23.76 -48.78
C ILE C 204 16.66 -23.51 -47.35
N CYS C 205 17.51 -22.86 -46.56
CA CYS C 205 17.08 -22.40 -45.24
C CYS C 205 16.28 -21.12 -45.39
N ASN C 206 15.24 -20.98 -44.57
CA ASN C 206 14.30 -19.87 -44.71
C ASN C 206 14.32 -18.94 -43.50
N VAL C 207 15.51 -18.45 -43.14
CA VAL C 207 15.65 -17.64 -41.94
C VAL C 207 14.94 -16.30 -42.13
N ASN C 208 14.13 -15.92 -41.14
CA ASN C 208 13.34 -14.69 -41.20
C ASN C 208 13.41 -14.00 -39.85
N HIS C 209 13.82 -12.74 -39.86
CA HIS C 209 13.85 -11.89 -38.66
C HIS C 209 12.78 -10.82 -38.83
N LYS C 210 11.64 -11.04 -38.20
CA LYS C 210 10.53 -10.09 -38.32
C LYS C 210 10.88 -8.68 -37.86
N PRO C 211 11.48 -8.46 -36.66
CA PRO C 211 11.65 -7.08 -36.18
C PRO C 211 12.71 -6.31 -36.94
N SER C 212 12.68 -6.37 -38.28
CA SER C 212 13.76 -5.78 -39.07
C SER C 212 13.47 -5.76 -40.56
N ASN C 213 12.46 -6.53 -40.96
CA ASN C 213 12.29 -7.05 -42.31
C ASN C 213 13.68 -7.46 -42.84
N THR C 214 14.41 -8.22 -42.03
CA THR C 214 15.56 -8.97 -42.52
C THR C 214 15.07 -10.38 -42.80
N LYS C 215 14.63 -10.58 -44.02
CA LYS C 215 14.15 -11.87 -44.49
C LYS C 215 15.04 -12.30 -45.66
N VAL C 216 16.12 -13.01 -45.33
CA VAL C 216 17.20 -13.30 -46.27
C VAL C 216 17.48 -14.80 -46.21
N ASP C 217 16.85 -15.56 -47.10
CA ASP C 217 17.03 -17.00 -47.18
C ASP C 217 17.89 -17.33 -48.39
N LYS C 218 18.76 -18.33 -48.25
CA LYS C 218 19.73 -18.62 -49.31
C LYS C 218 20.43 -19.95 -49.04
N ARG C 219 21.00 -20.51 -50.12
CA ARG C 219 21.97 -21.59 -50.15
C ARG C 219 21.32 -22.98 -50.11
N VAL C 220 21.98 -23.96 -50.72
CA VAL C 220 21.52 -25.34 -50.74
C VAL C 220 22.67 -26.30 -50.49
N GLU C 221 23.73 -26.19 -51.30
CA GLU C 221 24.65 -27.30 -51.50
C GLU C 221 26.11 -26.86 -51.38
N PRO C 222 27.07 -27.80 -51.26
CA PRO C 222 28.49 -27.42 -51.22
C PRO C 222 29.07 -27.11 -52.61
N GLU D 1 11.11 -16.80 4.67
CA GLU D 1 10.70 -18.03 5.33
C GLU D 1 10.31 -19.11 4.33
N ILE D 2 10.14 -20.34 4.82
CA ILE D 2 9.38 -21.42 4.20
C ILE D 2 9.79 -21.73 2.75
N VAL D 3 10.44 -22.88 2.55
CA VAL D 3 11.11 -23.19 1.29
C VAL D 3 10.75 -24.60 0.83
N MET D 4 10.47 -24.74 -0.47
CA MET D 4 10.12 -26.02 -1.08
C MET D 4 11.31 -26.58 -1.86
N THR D 5 11.63 -27.85 -1.60
CA THR D 5 12.64 -28.58 -2.35
C THR D 5 11.97 -29.71 -3.11
N GLN D 6 12.25 -29.81 -4.40
CA GLN D 6 11.68 -30.87 -5.24
C GLN D 6 12.76 -31.91 -5.52
N SER D 7 12.57 -33.12 -4.94
CA SER D 7 13.42 -34.32 -4.97
C SER D 7 14.44 -34.33 -6.12
N PRO D 8 14.19 -34.87 -7.34
CA PRO D 8 15.26 -34.74 -8.33
C PRO D 8 14.99 -33.59 -9.28
N ALA D 9 16.04 -32.99 -9.88
CA ALA D 9 15.77 -31.95 -10.88
C ALA D 9 15.13 -32.54 -12.12
N THR D 10 15.52 -33.76 -12.48
CA THR D 10 15.02 -34.42 -13.67
C THR D 10 14.71 -35.87 -13.36
N LEU D 11 13.69 -36.40 -14.03
CA LEU D 11 13.38 -37.81 -14.02
C LEU D 11 13.54 -38.38 -15.42
N SER D 12 13.31 -39.68 -15.53
CA SER D 12 13.31 -40.35 -16.83
C SER D 12 12.48 -41.62 -16.66
N VAL D 13 11.33 -41.66 -17.31
CA VAL D 13 10.42 -42.78 -17.24
C VAL D 13 9.99 -43.15 -18.65
N SER D 14 9.60 -44.39 -18.82
CA SER D 14 9.10 -44.82 -20.11
C SER D 14 7.67 -44.34 -20.30
N PRO D 15 7.27 -44.00 -21.52
CA PRO D 15 5.85 -43.74 -21.79
C PRO D 15 4.99 -44.92 -21.39
N GLY D 16 4.15 -44.75 -20.38
CA GLY D 16 3.37 -45.83 -19.81
C GLY D 16 3.81 -46.26 -18.44
N GLU D 17 5.03 -45.89 -18.03
CA GLU D 17 5.50 -46.16 -16.68
C GLU D 17 4.72 -45.32 -15.68
N ARG D 18 4.96 -45.59 -14.40
CA ARG D 18 4.45 -44.74 -13.32
C ARG D 18 5.57 -43.83 -12.85
N ALA D 19 5.27 -42.54 -12.73
CA ALA D 19 6.24 -41.57 -12.25
C ALA D 19 5.84 -41.05 -10.89
N THR D 20 6.85 -40.65 -10.11
CA THR D 20 6.68 -40.21 -8.73
C THR D 20 7.61 -39.04 -8.48
N LEU D 21 7.04 -37.87 -8.18
CA LEU D 21 7.78 -36.63 -8.01
C LEU D 21 7.55 -36.12 -6.59
N SER D 22 8.63 -35.84 -5.87
CA SER D 22 8.51 -35.47 -4.48
C SER D 22 8.80 -33.98 -4.28
N CYS D 23 8.32 -33.47 -3.13
CA CYS D 23 8.44 -32.06 -2.80
C CYS D 23 8.55 -31.95 -1.28
N ARG D 24 9.64 -31.36 -0.80
CA ARG D 24 9.88 -31.19 0.62
C ARG D 24 9.74 -29.73 1.01
N ALA D 25 9.07 -29.48 2.13
CA ALA D 25 8.97 -28.14 2.69
C ALA D 25 9.94 -27.98 3.84
N SER D 26 10.56 -26.82 3.94
CA SER D 26 11.52 -26.54 5.02
C SER D 26 10.78 -26.13 6.28
N GLN D 27 9.57 -26.67 6.46
CA GLN D 27 8.70 -26.40 7.59
C GLN D 27 7.40 -27.17 7.40
N SER D 28 6.71 -27.51 8.49
CA SER D 28 5.50 -28.32 8.40
C SER D 28 4.34 -27.44 7.95
N ILE D 29 3.97 -27.55 6.69
CA ILE D 29 2.69 -27.03 6.24
C ILE D 29 1.65 -28.14 6.48
N SER D 30 0.37 -27.81 6.39
CA SER D 30 -0.67 -28.79 6.67
C SER D 30 -0.79 -29.76 5.50
N SER D 31 -2.02 -30.01 5.06
CA SER D 31 -2.28 -30.63 3.77
C SER D 31 -2.54 -29.58 2.71
N ASN D 32 -1.87 -28.44 2.81
CA ASN D 32 -1.99 -27.39 1.81
C ASN D 32 -1.28 -27.82 0.53
N LEU D 33 -0.46 -26.95 -0.05
CA LEU D 33 0.37 -27.28 -1.21
C LEU D 33 -0.42 -27.63 -2.47
N ALA D 34 -0.05 -27.02 -3.57
CA ALA D 34 -0.62 -27.31 -4.88
C ALA D 34 0.49 -27.82 -5.82
N TRP D 35 0.06 -28.35 -6.96
CA TRP D 35 0.92 -28.92 -7.99
C TRP D 35 0.49 -28.36 -9.34
N TYR D 36 1.48 -27.90 -10.12
CA TYR D 36 1.29 -27.33 -11.44
C TYR D 36 2.17 -28.06 -12.45
N GLN D 37 1.70 -28.10 -13.69
CA GLN D 37 2.44 -28.69 -14.82
C GLN D 37 2.72 -27.60 -15.84
N GLN D 38 3.94 -27.61 -16.39
CA GLN D 38 4.35 -26.62 -17.38
C GLN D 38 5.05 -27.30 -18.53
N LYS D 39 4.40 -27.32 -19.69
CA LYS D 39 5.02 -27.70 -20.95
C LYS D 39 5.75 -26.50 -21.53
N PRO D 40 6.85 -26.72 -22.27
CA PRO D 40 7.63 -25.59 -22.78
C PRO D 40 6.82 -24.74 -23.74
N GLY D 41 7.08 -23.43 -23.70
CA GLY D 41 6.31 -22.47 -24.46
C GLY D 41 4.93 -22.19 -23.91
N GLN D 42 4.55 -22.81 -22.80
CA GLN D 42 3.22 -22.69 -22.23
C GLN D 42 3.31 -22.18 -20.79
N ALA D 43 2.18 -21.73 -20.28
CA ALA D 43 2.07 -21.25 -18.91
C ALA D 43 1.77 -22.42 -17.98
N PRO D 44 2.11 -22.28 -16.70
CA PRO D 44 1.76 -23.33 -15.74
C PRO D 44 0.26 -23.59 -15.74
N ARG D 45 -0.10 -24.86 -15.61
CA ARG D 45 -1.49 -25.27 -15.46
C ARG D 45 -1.62 -25.96 -14.11
N LEU D 46 -2.64 -25.59 -13.34
CA LEU D 46 -2.83 -26.17 -12.03
C LEU D 46 -3.36 -27.58 -12.16
N LEU D 47 -2.71 -28.53 -11.49
CA LEU D 47 -3.08 -29.92 -11.50
C LEU D 47 -3.77 -30.35 -10.22
N ILE D 48 -3.21 -30.00 -9.07
CA ILE D 48 -3.71 -30.48 -7.79
C ILE D 48 -3.62 -29.34 -6.78
N TYR D 49 -4.57 -29.31 -5.83
CA TYR D 49 -4.45 -28.42 -4.68
C TYR D 49 -4.82 -29.19 -3.43
N GLY D 50 -4.52 -28.61 -2.28
CA GLY D 50 -4.76 -29.31 -1.03
C GLY D 50 -4.02 -30.63 -0.95
N ALA D 51 -2.84 -30.69 -1.56
CA ALA D 51 -2.00 -31.89 -1.59
C ALA D 51 -2.67 -33.07 -2.29
N SER D 52 -3.94 -33.35 -1.96
CA SER D 52 -4.60 -34.57 -2.40
C SER D 52 -5.79 -34.35 -3.33
N THR D 53 -6.22 -33.12 -3.56
CA THR D 53 -7.44 -32.85 -4.32
C THR D 53 -7.10 -32.48 -5.75
N ARG D 54 -7.74 -33.17 -6.70
CA ARG D 54 -7.47 -32.96 -8.12
C ARG D 54 -8.23 -31.74 -8.63
N ALA D 55 -7.53 -30.90 -9.38
CA ALA D 55 -8.12 -29.67 -9.88
C ALA D 55 -9.13 -29.96 -10.99
N THR D 56 -10.00 -28.97 -11.21
CA THR D 56 -10.99 -29.02 -12.28
C THR D 56 -10.33 -29.31 -13.63
N GLY D 57 -10.55 -30.51 -14.17
CA GLY D 57 -10.01 -30.88 -15.46
C GLY D 57 -8.75 -31.72 -15.42
N THR D 58 -8.25 -32.07 -14.24
CA THR D 58 -7.08 -32.94 -14.17
C THR D 58 -7.51 -34.40 -14.29
N PRO D 59 -6.93 -35.17 -15.20
CA PRO D 59 -7.34 -36.56 -15.37
C PRO D 59 -7.02 -37.40 -14.14
N ALA D 60 -7.60 -38.60 -14.10
CA ALA D 60 -7.48 -39.47 -12.94
C ALA D 60 -6.09 -40.07 -12.77
N ARG D 61 -5.28 -40.08 -13.83
CA ARG D 61 -3.95 -40.65 -13.71
C ARG D 61 -3.03 -39.83 -12.82
N PHE D 62 -3.34 -38.56 -12.61
CA PHE D 62 -2.62 -37.73 -11.64
C PHE D 62 -3.24 -37.89 -10.27
N SER D 63 -2.39 -38.02 -9.25
CA SER D 63 -2.85 -38.03 -7.87
C SER D 63 -1.75 -37.44 -7.01
N GLY D 64 -2.08 -37.19 -5.75
CA GLY D 64 -1.12 -36.57 -4.84
C GLY D 64 -1.39 -36.98 -3.41
N SER D 65 -0.32 -37.04 -2.63
CA SER D 65 -0.42 -37.40 -1.22
C SER D 65 0.64 -36.64 -0.45
N GLY D 66 0.46 -36.57 0.87
CA GLY D 66 1.46 -35.86 1.66
C GLY D 66 1.10 -35.52 3.08
N SER D 67 0.68 -34.27 3.31
CA SER D 67 0.43 -33.72 4.64
C SER D 67 1.70 -33.62 5.46
N GLY D 68 2.10 -32.40 5.83
CA GLY D 68 3.25 -32.20 6.70
C GLY D 68 4.44 -31.55 6.01
N THR D 69 5.49 -32.34 5.81
CA THR D 69 6.73 -31.86 5.22
C THR D 69 7.08 -32.54 3.91
N GLU D 70 6.73 -33.82 3.74
CA GLU D 70 7.00 -34.56 2.51
C GLU D 70 5.72 -34.69 1.70
N PHE D 71 5.82 -34.46 0.39
CA PHE D 71 4.66 -34.49 -0.48
C PHE D 71 5.03 -35.18 -1.78
N THR D 72 4.02 -35.75 -2.44
CA THR D 72 4.22 -36.60 -3.59
C THR D 72 3.14 -36.33 -4.63
N LEU D 73 3.58 -36.17 -5.88
CA LEU D 73 2.73 -36.24 -7.05
C LEU D 73 3.01 -37.55 -7.77
N THR D 74 1.97 -38.24 -8.19
CA THR D 74 2.11 -39.54 -8.83
C THR D 74 1.32 -39.55 -10.13
N ILE D 75 1.96 -40.03 -11.20
CA ILE D 75 1.33 -40.22 -12.48
C ILE D 75 1.31 -41.71 -12.77
N SER D 76 0.12 -42.31 -12.72
CA SER D 76 -0.05 -43.71 -13.09
C SER D 76 -0.15 -43.80 -14.61
N SER D 77 0.81 -44.49 -15.23
CA SER D 77 0.91 -44.60 -16.68
C SER D 77 1.07 -43.23 -17.34
N LEU D 78 2.28 -42.92 -17.77
CA LEU D 78 2.57 -41.64 -18.41
C LEU D 78 2.23 -41.70 -19.89
N GLN D 79 1.57 -40.64 -20.36
CA GLN D 79 1.33 -40.44 -21.78
C GLN D 79 2.30 -39.39 -22.31
N SER D 80 2.34 -39.26 -23.64
CA SER D 80 3.25 -38.31 -24.26
C SER D 80 2.99 -36.89 -23.80
N GLU D 81 1.73 -36.57 -23.48
CA GLU D 81 1.38 -35.21 -23.11
C GLU D 81 1.83 -34.86 -21.70
N ASP D 82 1.90 -35.85 -20.80
CA ASP D 82 2.25 -35.57 -19.42
C ASP D 82 3.72 -35.24 -19.21
N PHE D 83 4.58 -35.56 -20.17
CA PHE D 83 6.01 -35.25 -20.04
C PHE D 83 6.21 -33.75 -20.13
N ALA D 84 6.55 -33.13 -19.01
CA ALA D 84 6.73 -31.69 -18.90
C ALA D 84 7.39 -31.40 -17.56
N SER D 85 7.52 -30.12 -17.22
CA SER D 85 8.02 -29.75 -15.91
C SER D 85 6.86 -29.72 -14.90
N TYR D 86 7.20 -29.86 -13.63
CA TYR D 86 6.21 -29.91 -12.58
C TYR D 86 6.71 -29.12 -11.38
N TYR D 87 5.84 -28.30 -10.80
CA TYR D 87 6.19 -27.40 -9.70
C TYR D 87 5.20 -27.58 -8.56
N CYS D 88 5.71 -27.73 -7.35
CA CYS D 88 4.88 -27.69 -6.16
C CYS D 88 4.86 -26.27 -5.59
N GLN D 89 3.89 -26.01 -4.72
CA GLN D 89 3.70 -24.66 -4.19
C GLN D 89 3.08 -24.75 -2.80
N GLN D 90 3.59 -23.96 -1.87
CA GLN D 90 3.02 -23.92 -0.53
C GLN D 90 2.22 -22.62 -0.35
N TYR D 91 1.16 -22.70 0.45
CA TYR D 91 0.38 -21.53 0.85
C TYR D 91 0.03 -21.68 2.33
N ASN D 92 1.06 -21.81 3.16
CA ASN D 92 0.87 -22.07 4.58
C ASN D 92 0.46 -20.81 5.34
N ASN D 93 1.05 -19.67 5.00
CA ASN D 93 0.85 -18.41 5.71
C ASN D 93 0.42 -17.35 4.71
N TRP D 94 -0.82 -16.89 4.84
CA TRP D 94 -1.41 -15.83 4.02
C TRP D 94 -0.46 -14.64 3.92
N PRO D 95 -0.22 -14.12 2.70
CA PRO D 95 -0.55 -14.76 1.44
C PRO D 95 0.72 -15.26 0.73
N ALA D 96 1.86 -15.08 1.38
CA ALA D 96 3.15 -15.46 0.84
C ALA D 96 3.15 -16.90 0.34
N ILE D 97 3.35 -17.06 -0.96
CA ILE D 97 3.47 -18.37 -1.58
C ILE D 97 4.89 -18.53 -2.10
N THR D 98 5.39 -19.75 -2.03
CA THR D 98 6.68 -20.10 -2.64
C THR D 98 6.51 -21.39 -3.44
N PHE D 99 7.39 -21.56 -4.43
CA PHE D 99 7.38 -22.73 -5.29
C PHE D 99 8.69 -23.49 -5.14
N GLY D 100 8.65 -24.77 -5.52
CA GLY D 100 9.86 -25.54 -5.67
C GLY D 100 10.56 -25.23 -6.98
N GLN D 101 11.83 -25.64 -7.06
CA GLN D 101 12.63 -25.40 -8.25
C GLN D 101 12.14 -26.18 -9.46
N GLY D 102 11.32 -27.19 -9.26
CA GLY D 102 10.69 -27.86 -10.37
C GLY D 102 11.33 -29.19 -10.70
N THR D 103 10.59 -30.00 -11.46
CA THR D 103 11.08 -31.28 -11.94
C THR D 103 10.57 -31.49 -13.35
N ARG D 104 11.48 -31.73 -14.29
CA ARG D 104 11.10 -32.07 -15.64
C ARG D 104 11.15 -33.58 -15.82
N LEU D 105 10.22 -34.12 -16.59
CA LEU D 105 9.89 -35.53 -16.54
C LEU D 105 10.73 -36.38 -17.49
N GLU D 106 10.81 -35.99 -18.77
CA GLU D 106 11.71 -36.58 -19.76
C GLU D 106 11.35 -38.00 -20.17
N ILE D 107 11.35 -38.25 -21.48
CA ILE D 107 11.03 -39.57 -22.01
C ILE D 107 12.26 -40.45 -21.95
N LYS D 108 12.13 -41.62 -21.32
CA LYS D 108 13.22 -42.56 -21.17
C LYS D 108 13.22 -43.54 -22.34
N ARG D 109 14.38 -43.75 -22.93
CA ARG D 109 14.52 -44.67 -24.05
C ARG D 109 15.91 -45.30 -24.01
N THR D 110 16.20 -46.11 -25.02
CA THR D 110 17.48 -46.80 -25.07
C THR D 110 18.61 -45.86 -25.45
N VAL D 111 19.83 -46.23 -25.06
CA VAL D 111 20.99 -45.40 -25.33
C VAL D 111 21.21 -45.28 -26.84
N ALA D 112 21.61 -44.10 -27.28
CA ALA D 112 21.91 -43.84 -28.68
C ALA D 112 23.11 -42.92 -28.76
N ALA D 113 24.06 -43.27 -29.61
CA ALA D 113 25.30 -42.51 -29.75
C ALA D 113 25.10 -41.33 -30.70
N PRO D 114 25.85 -40.24 -30.49
CA PRO D 114 25.70 -39.08 -31.38
C PRO D 114 26.29 -39.35 -32.74
N SER D 115 25.51 -39.07 -33.78
CA SER D 115 26.06 -38.96 -35.13
C SER D 115 26.76 -37.61 -35.22
N VAL D 116 28.08 -37.63 -35.41
CA VAL D 116 28.89 -36.42 -35.30
C VAL D 116 29.18 -35.88 -36.69
N PHE D 117 29.06 -34.56 -36.83
CA PHE D 117 29.39 -33.85 -38.06
C PHE D 117 30.15 -32.58 -37.71
N ILE D 118 30.97 -32.12 -38.64
CA ILE D 118 31.76 -30.89 -38.47
C ILE D 118 31.55 -30.00 -39.68
N PHE D 119 31.45 -28.70 -39.44
CA PHE D 119 31.22 -27.74 -40.51
C PHE D 119 32.21 -26.58 -40.37
N PRO D 120 32.96 -26.26 -41.42
CA PRO D 120 33.94 -25.19 -41.37
C PRO D 120 33.30 -23.85 -41.67
N PRO D 121 34.00 -22.74 -41.40
CA PRO D 121 33.42 -21.42 -41.66
C PRO D 121 33.04 -21.24 -43.12
N SER D 122 32.12 -20.32 -43.37
CA SER D 122 31.51 -20.14 -44.67
C SER D 122 32.31 -19.16 -45.52
N ASP D 123 31.88 -18.99 -46.77
CA ASP D 123 32.61 -18.19 -47.74
C ASP D 123 32.40 -16.69 -47.52
N GLU D 124 31.20 -16.28 -47.10
CA GLU D 124 30.97 -14.87 -46.83
C GLU D 124 31.47 -14.46 -45.44
N GLN D 125 31.57 -15.41 -44.51
CA GLN D 125 32.10 -15.10 -43.20
C GLN D 125 33.59 -14.80 -43.27
N LEU D 126 34.31 -15.57 -44.09
CA LEU D 126 35.67 -15.30 -44.54
C LEU D 126 36.01 -13.81 -44.55
N LYS D 127 35.30 -13.06 -45.39
CA LYS D 127 35.63 -11.66 -45.68
C LYS D 127 34.87 -10.72 -44.74
N SER D 128 35.04 -10.95 -43.44
CA SER D 128 34.40 -10.09 -42.45
C SER D 128 35.36 -9.77 -41.30
N GLY D 129 35.32 -10.58 -40.24
CA GLY D 129 36.18 -10.32 -39.10
C GLY D 129 36.47 -11.54 -38.25
N THR D 130 35.46 -12.38 -38.04
CA THR D 130 35.56 -13.59 -37.24
C THR D 130 35.22 -14.79 -38.11
N ALA D 131 35.59 -15.99 -37.64
CA ALA D 131 35.15 -17.21 -38.29
C ALA D 131 34.65 -18.17 -37.23
N SER D 132 33.87 -19.15 -37.67
CA SER D 132 33.10 -19.96 -36.72
C SER D 132 32.98 -21.38 -37.27
N VAL D 133 33.55 -22.32 -36.54
CA VAL D 133 33.46 -23.73 -36.85
C VAL D 133 32.44 -24.38 -35.92
N VAL D 134 31.59 -25.24 -36.46
CA VAL D 134 30.48 -25.79 -35.68
C VAL D 134 30.53 -27.31 -35.71
N CYS D 135 30.36 -27.92 -34.54
CA CYS D 135 30.27 -29.36 -34.38
C CYS D 135 28.85 -29.74 -33.99
N LEU D 136 28.24 -30.65 -34.75
CA LEU D 136 26.86 -31.06 -34.53
C LEU D 136 26.80 -32.52 -34.12
N LEU D 137 26.06 -32.80 -33.06
CA LEU D 137 25.90 -34.13 -32.48
C LEU D 137 24.42 -34.48 -32.57
N ASN D 138 24.03 -35.28 -33.54
CA ASN D 138 22.61 -35.52 -33.81
C ASN D 138 22.15 -36.86 -33.25
N ASN D 139 20.97 -36.84 -32.63
CA ASN D 139 20.18 -38.05 -32.36
C ASN D 139 20.88 -38.98 -31.38
N PHE D 140 21.34 -38.42 -30.27
CA PHE D 140 21.93 -39.19 -29.18
C PHE D 140 21.00 -39.21 -27.98
N TYR D 141 21.21 -40.21 -27.13
CA TYR D 141 20.51 -40.31 -25.85
C TYR D 141 21.38 -41.11 -24.88
N PRO D 142 21.51 -40.67 -23.62
CA PRO D 142 20.85 -39.47 -23.10
C PRO D 142 21.59 -38.18 -23.43
N ARG D 143 21.25 -37.12 -22.72
CA ARG D 143 21.65 -35.77 -23.11
C ARG D 143 23.08 -35.44 -22.65
N GLU D 144 23.61 -36.17 -21.67
CA GLU D 144 24.97 -35.93 -21.19
C GLU D 144 25.99 -36.22 -22.29
N ALA D 145 26.58 -35.16 -22.83
CA ALA D 145 27.61 -35.29 -23.84
C ALA D 145 28.63 -34.18 -23.61
N LYS D 146 29.87 -34.43 -24.03
CA LYS D 146 30.94 -33.46 -23.88
C LYS D 146 31.61 -33.21 -25.22
N VAL D 147 31.84 -31.95 -25.55
CA VAL D 147 32.50 -31.55 -26.77
C VAL D 147 33.75 -30.75 -26.41
N GLN D 148 34.89 -31.16 -26.97
CA GLN D 148 36.17 -30.53 -26.74
C GLN D 148 36.72 -30.03 -28.06
N TRP D 149 37.15 -28.78 -28.09
CA TRP D 149 37.66 -28.15 -29.29
C TRP D 149 39.16 -28.37 -29.42
N LYS D 150 39.62 -28.64 -30.64
CA LYS D 150 41.05 -28.82 -30.91
C LYS D 150 41.42 -28.02 -32.14
N VAL D 151 42.16 -26.93 -31.92
CA VAL D 151 42.77 -26.16 -33.00
C VAL D 151 44.19 -26.68 -33.17
N ASP D 152 44.42 -27.41 -34.27
CA ASP D 152 45.49 -28.39 -34.42
C ASP D 152 45.99 -28.91 -33.08
N ASN D 153 45.22 -29.82 -32.47
CA ASN D 153 45.58 -30.53 -31.25
C ASN D 153 45.60 -29.63 -30.02
N ALA D 154 45.63 -28.31 -30.23
CA ALA D 154 45.55 -27.37 -29.11
C ALA D 154 44.15 -27.39 -28.53
N LEU D 155 44.04 -27.80 -27.26
CA LEU D 155 42.75 -27.77 -26.59
C LEU D 155 42.20 -26.35 -26.55
N GLN D 156 40.89 -26.22 -26.59
CA GLN D 156 40.25 -24.91 -26.51
C GLN D 156 39.18 -24.92 -25.42
N SER D 157 38.91 -23.71 -24.91
CA SER D 157 37.91 -23.49 -23.87
C SER D 157 37.73 -21.99 -23.70
N GLY D 158 36.53 -21.60 -23.27
CA GLY D 158 36.21 -20.20 -23.11
C GLY D 158 35.92 -19.46 -24.40
N ASN D 159 35.88 -20.17 -25.53
CA ASN D 159 35.53 -19.54 -26.79
C ASN D 159 34.51 -20.38 -27.58
N SER D 160 33.71 -21.19 -26.89
CA SER D 160 32.71 -22.03 -27.55
C SER D 160 31.35 -21.81 -26.90
N GLN D 161 30.30 -22.00 -27.70
CA GLN D 161 28.91 -21.87 -27.28
C GLN D 161 28.18 -23.12 -27.71
N GLU D 162 27.54 -23.81 -26.78
CA GLU D 162 26.77 -24.99 -27.15
C GLU D 162 25.30 -24.80 -26.86
N SER D 163 24.48 -25.54 -27.60
CA SER D 163 23.04 -25.51 -27.47
C SER D 163 22.50 -26.92 -27.70
N VAL D 164 21.76 -27.43 -26.72
CA VAL D 164 21.08 -28.71 -26.84
C VAL D 164 19.60 -28.44 -27.13
N THR D 165 19.00 -29.30 -27.94
CA THR D 165 17.62 -29.13 -28.35
C THR D 165 16.69 -29.71 -27.28
N GLU D 166 15.38 -29.60 -27.54
CA GLU D 166 14.42 -30.31 -26.72
C GLU D 166 14.30 -31.75 -27.20
N GLN D 167 13.85 -32.63 -26.30
CA GLN D 167 13.71 -34.03 -26.63
C GLN D 167 12.82 -34.19 -27.87
N ASP D 168 13.32 -34.96 -28.84
CA ASP D 168 12.64 -35.07 -30.13
C ASP D 168 11.27 -35.71 -29.97
N SER D 169 10.35 -35.31 -30.85
CA SER D 169 8.98 -35.81 -30.74
C SER D 169 8.86 -37.26 -31.19
N LYS D 170 9.63 -37.66 -32.19
CA LYS D 170 9.56 -39.03 -32.69
C LYS D 170 10.43 -39.97 -31.86
N ASP D 171 11.75 -39.87 -32.01
CA ASP D 171 12.67 -40.81 -31.38
C ASP D 171 13.11 -40.41 -29.98
N SER D 172 12.65 -39.26 -29.47
CA SER D 172 12.96 -38.80 -28.12
C SER D 172 14.45 -38.59 -27.89
N THR D 173 15.20 -38.26 -28.95
CA THR D 173 16.65 -38.13 -28.84
C THR D 173 17.04 -36.66 -28.83
N TYR D 174 18.26 -36.42 -28.36
CA TYR D 174 18.80 -35.07 -28.24
C TYR D 174 19.77 -34.76 -29.37
N SER D 175 19.96 -33.47 -29.61
CA SER D 175 20.92 -33.00 -30.58
C SER D 175 21.60 -31.75 -30.03
N LEU D 176 22.90 -31.65 -30.26
CA LEU D 176 23.72 -30.58 -29.71
C LEU D 176 24.47 -29.89 -30.84
N SER D 177 24.67 -28.59 -30.69
CA SER D 177 25.48 -27.82 -31.62
C SER D 177 26.46 -26.98 -30.82
N SER D 178 27.75 -27.17 -31.06
CA SER D 178 28.82 -26.38 -30.46
C SER D 178 29.40 -25.46 -31.53
N THR D 179 29.76 -24.25 -31.12
CA THR D 179 30.19 -23.19 -32.02
C THR D 179 31.47 -22.58 -31.48
N LEU D 180 32.51 -22.55 -32.30
CA LEU D 180 33.80 -21.99 -31.93
C LEU D 180 34.04 -20.77 -32.82
N THR D 181 34.06 -19.58 -32.20
CA THR D 181 34.18 -18.30 -32.91
C THR D 181 35.52 -17.67 -32.58
N LEU D 182 36.39 -17.61 -33.58
CA LEU D 182 37.75 -17.10 -33.42
C LEU D 182 38.04 -16.02 -34.44
N SER D 183 38.67 -14.94 -33.98
CA SER D 183 38.97 -13.80 -34.84
C SER D 183 39.79 -14.27 -36.03
N LYS D 184 39.30 -13.97 -37.24
CA LYS D 184 39.82 -14.48 -38.50
C LYS D 184 41.34 -14.52 -38.57
N ALA D 185 42.00 -13.52 -37.96
CA ALA D 185 43.45 -13.53 -37.89
C ALA D 185 43.95 -14.77 -37.18
N ASP D 186 43.39 -15.09 -36.01
CA ASP D 186 43.80 -16.29 -35.29
C ASP D 186 43.21 -17.57 -35.88
N TYR D 187 42.12 -17.48 -36.62
CA TYR D 187 41.70 -18.62 -37.45
C TYR D 187 42.79 -18.98 -38.44
N GLU D 188 43.13 -18.03 -39.32
CA GLU D 188 44.10 -18.28 -40.38
C GLU D 188 45.50 -18.52 -39.85
N LYS D 189 45.73 -18.34 -38.55
CA LYS D 189 47.03 -18.62 -37.95
C LYS D 189 47.18 -20.08 -37.55
N HIS D 190 46.12 -20.88 -37.64
CA HIS D 190 46.16 -22.30 -37.32
C HIS D 190 45.74 -23.11 -38.54
N LYS D 191 45.86 -24.44 -38.44
CA LYS D 191 45.76 -25.30 -39.62
C LYS D 191 44.58 -26.26 -39.52
N VAL D 192 44.67 -27.31 -38.70
CA VAL D 192 43.65 -28.36 -38.66
C VAL D 192 42.74 -28.12 -37.47
N TYR D 193 41.45 -28.43 -37.63
CA TYR D 193 40.44 -28.19 -36.61
C TYR D 193 39.62 -29.47 -36.40
N ALA D 194 39.28 -29.73 -35.15
CA ALA D 194 38.54 -30.96 -34.85
C ALA D 194 37.72 -30.76 -33.58
N CYS D 195 36.66 -31.56 -33.49
CA CYS D 195 35.87 -31.64 -32.27
C CYS D 195 35.86 -33.09 -31.79
N GLU D 196 36.12 -33.24 -30.49
CA GLU D 196 36.18 -34.52 -29.79
C GLU D 196 34.90 -34.66 -28.96
N VAL D 197 34.17 -35.74 -29.18
CA VAL D 197 32.82 -35.90 -28.65
C VAL D 197 32.80 -37.13 -27.77
N THR D 198 32.41 -36.95 -26.51
CA THR D 198 32.31 -38.00 -25.52
C THR D 198 30.85 -38.21 -25.16
N HIS D 199 30.43 -39.48 -25.16
CA HIS D 199 29.07 -39.87 -24.80
C HIS D 199 29.11 -41.29 -24.27
N GLN D 200 28.21 -41.59 -23.34
CA GLN D 200 28.23 -42.88 -22.64
C GLN D 200 27.88 -44.03 -23.58
N GLY D 201 27.60 -43.72 -24.84
CA GLY D 201 27.30 -44.72 -25.86
C GLY D 201 28.37 -44.80 -26.92
N LEU D 202 29.55 -44.27 -26.61
CA LEU D 202 30.72 -44.36 -27.49
C LEU D 202 31.88 -44.89 -26.67
N SER D 203 32.37 -46.08 -27.01
CA SER D 203 33.44 -46.69 -26.24
C SER D 203 34.67 -45.79 -26.21
N SER D 204 35.06 -45.23 -27.35
CA SER D 204 36.11 -44.24 -27.41
C SER D 204 35.57 -42.94 -27.99
N PRO D 205 36.04 -41.78 -27.50
CA PRO D 205 35.52 -40.51 -28.00
C PRO D 205 35.67 -40.39 -29.52
N VAL D 206 34.64 -39.86 -30.15
CA VAL D 206 34.57 -39.77 -31.61
C VAL D 206 34.93 -38.35 -32.03
N THR D 207 35.83 -38.23 -33.00
CA THR D 207 36.33 -36.92 -33.41
C THR D 207 36.06 -36.68 -34.88
N LYS D 208 35.63 -35.46 -35.21
CA LYS D 208 35.49 -35.03 -36.60
C LYS D 208 36.47 -33.90 -36.87
N SER D 209 37.05 -33.89 -38.07
CA SER D 209 38.17 -33.02 -38.37
C SER D 209 38.06 -32.42 -39.78
N PHE D 210 38.78 -31.32 -39.98
CA PHE D 210 38.96 -30.70 -41.28
C PHE D 210 40.18 -29.79 -41.19
N ASN D 211 40.56 -29.20 -42.31
CA ASN D 211 41.61 -28.19 -42.33
C ASN D 211 41.42 -27.30 -43.54
N ARG D 212 42.10 -26.15 -43.53
CA ARG D 212 41.96 -25.17 -44.60
C ARG D 212 42.38 -25.78 -45.93
N GLY D 213 41.44 -25.79 -46.88
CA GLY D 213 41.70 -26.37 -48.19
C GLY D 213 41.13 -27.76 -48.35
N GLN E 1 -17.28 12.03 10.81
CA GLN E 1 -16.17 11.47 10.04
C GLN E 1 -16.63 10.25 9.25
N VAL E 2 -15.99 9.11 9.51
CA VAL E 2 -16.43 7.83 8.98
C VAL E 2 -17.64 7.38 9.81
N GLN E 3 -18.80 7.24 9.16
CA GLN E 3 -20.00 6.97 9.94
C GLN E 3 -20.93 5.99 9.23
N LEU E 4 -21.60 5.15 10.03
CA LEU E 4 -22.53 4.15 9.55
C LEU E 4 -23.90 4.41 10.16
N VAL E 5 -24.91 4.62 9.34
CA VAL E 5 -26.27 4.86 9.81
C VAL E 5 -27.13 3.66 9.45
N GLN E 6 -27.67 2.99 10.47
CA GLN E 6 -28.40 1.75 10.31
C GLN E 6 -29.88 2.03 10.01
N SER E 7 -30.76 1.09 10.33
CA SER E 7 -32.18 1.22 10.11
C SER E 7 -32.89 1.54 11.44
N GLY E 8 -34.22 1.61 11.37
CA GLY E 8 -35.02 1.88 12.56
C GLY E 8 -35.42 0.61 13.30
N ALA E 9 -35.85 0.79 14.55
CA ALA E 9 -36.27 -0.33 15.37
C ALA E 9 -37.42 -1.08 14.69
N GLU E 10 -37.47 -2.39 14.94
CA GLU E 10 -38.50 -3.19 14.29
C GLU E 10 -39.05 -4.26 15.23
N VAL E 11 -40.37 -4.39 15.23
CA VAL E 11 -41.09 -5.39 16.03
C VAL E 11 -41.72 -6.38 15.06
N LYS E 12 -41.56 -7.66 15.34
CA LYS E 12 -42.03 -8.66 14.38
C LYS E 12 -42.51 -9.91 15.10
N LYS E 13 -43.37 -10.65 14.40
CA LYS E 13 -43.91 -11.90 14.91
C LYS E 13 -42.84 -12.98 14.92
N PRO E 14 -42.92 -13.93 15.85
CA PRO E 14 -42.01 -15.08 15.81
C PRO E 14 -42.19 -15.88 14.52
N GLY E 15 -41.13 -16.61 14.16
CA GLY E 15 -41.15 -17.36 12.92
C GLY E 15 -41.23 -16.50 11.68
N ALA E 16 -40.67 -15.28 11.73
CA ALA E 16 -40.66 -14.40 10.58
C ALA E 16 -39.23 -14.00 10.21
N SER E 17 -39.07 -12.91 9.46
CA SER E 17 -37.76 -12.48 8.98
C SER E 17 -37.60 -10.98 9.13
N VAL E 18 -36.38 -10.57 9.45
CA VAL E 18 -35.98 -9.16 9.55
C VAL E 18 -34.80 -8.94 8.64
N LYS E 19 -34.70 -7.71 8.13
CA LYS E 19 -33.59 -7.30 7.22
C LYS E 19 -33.21 -5.86 7.56
N VAL E 20 -32.11 -5.67 8.28
CA VAL E 20 -31.72 -4.32 8.70
C VAL E 20 -30.59 -3.81 7.81
N SER E 21 -30.60 -2.51 7.56
CA SER E 21 -29.66 -1.86 6.65
C SER E 21 -28.57 -1.13 7.40
N CYS E 22 -27.57 -0.68 6.65
CA CYS E 22 -26.40 -0.01 7.20
C CYS E 22 -25.77 0.77 6.04
N LYS E 23 -26.02 2.08 6.02
CA LYS E 23 -25.49 2.95 4.98
C LYS E 23 -24.17 3.52 5.48
N ALA E 24 -23.11 3.30 4.70
CA ALA E 24 -21.78 3.81 5.02
C ALA E 24 -21.60 5.19 4.42
N SER E 25 -20.80 6.02 5.10
CA SER E 25 -20.58 7.38 4.67
C SER E 25 -19.17 7.82 5.06
N GLY E 26 -18.42 8.30 4.07
CA GLY E 26 -17.12 8.91 4.29
C GLY E 26 -15.98 8.23 3.55
N TYR E 27 -16.11 6.94 3.27
CA TYR E 27 -14.97 6.15 2.81
C TYR E 27 -15.36 5.27 1.64
N ILE E 28 -14.33 4.77 0.96
CA ILE E 28 -14.54 3.85 -0.17
C ILE E 28 -15.17 2.57 0.38
N PHE E 29 -16.40 2.32 -0.03
CA PHE E 29 -17.23 1.33 0.66
C PHE E 29 -16.89 -0.10 0.26
N ILE E 30 -16.34 -0.28 -0.94
CA ILE E 30 -16.15 -1.61 -1.50
C ILE E 30 -14.84 -2.26 -1.04
N SER E 31 -13.90 -1.48 -0.51
CA SER E 31 -12.63 -2.03 -0.06
C SER E 31 -12.76 -2.76 1.27
N TYR E 32 -13.47 -2.15 2.23
CA TYR E 32 -13.41 -2.60 3.61
C TYR E 32 -14.53 -3.58 3.93
N PHE E 33 -14.20 -4.58 4.73
CA PHE E 33 -15.14 -5.62 5.12
C PHE E 33 -16.19 -5.07 6.09
N MET E 34 -17.33 -5.74 6.14
CA MET E 34 -18.44 -5.32 6.98
C MET E 34 -18.78 -6.44 7.96
N HIS E 35 -18.71 -6.14 9.25
CA HIS E 35 -19.09 -7.07 10.30
C HIS E 35 -20.51 -6.78 10.76
N TRP E 36 -21.21 -7.84 11.14
CA TRP E 36 -22.47 -7.75 11.85
C TRP E 36 -22.33 -8.48 13.18
N VAL E 37 -22.67 -7.76 14.25
CA VAL E 37 -22.64 -8.23 15.63
C VAL E 37 -24.00 -7.92 16.24
N ARG E 38 -24.32 -8.58 17.36
CA ARG E 38 -25.57 -8.29 18.03
C ARG E 38 -25.42 -8.52 19.53
N GLN E 39 -26.28 -7.85 20.29
CA GLN E 39 -26.22 -7.82 21.74
C GLN E 39 -27.64 -7.89 22.29
N ALA E 40 -27.93 -8.93 23.05
CA ALA E 40 -29.27 -9.06 23.60
C ALA E 40 -29.41 -8.23 24.88
N PRO E 41 -30.61 -7.74 25.17
CA PRO E 41 -30.84 -7.07 26.46
C PRO E 41 -30.55 -8.00 27.62
N GLY E 42 -29.41 -7.78 28.29
CA GLY E 42 -28.98 -8.65 29.36
C GLY E 42 -27.47 -8.63 29.52
N GLN E 43 -26.77 -9.42 28.71
CA GLN E 43 -25.31 -9.50 28.82
C GLN E 43 -24.64 -9.06 27.52
N GLY E 44 -23.55 -9.73 27.16
CA GLY E 44 -22.57 -9.17 26.23
C GLY E 44 -22.90 -9.39 24.75
N LEU E 45 -21.87 -9.15 23.94
CA LEU E 45 -21.95 -9.13 22.49
C LEU E 45 -21.86 -10.54 21.90
N GLU E 46 -22.34 -10.67 20.67
CA GLU E 46 -22.31 -11.95 19.96
C GLU E 46 -22.05 -11.67 18.48
N TRP E 47 -20.97 -12.26 17.95
CA TRP E 47 -20.65 -12.09 16.54
C TRP E 47 -21.65 -12.79 15.65
N MET E 48 -21.96 -12.19 14.52
CA MET E 48 -22.86 -12.78 13.53
C MET E 48 -22.16 -13.10 12.22
N GLY E 49 -21.31 -12.23 11.71
CA GLY E 49 -20.55 -12.59 10.54
C GLY E 49 -19.91 -11.41 9.85
N ILE E 50 -19.31 -11.70 8.70
CA ILE E 50 -18.58 -10.72 7.92
C ILE E 50 -18.95 -10.88 6.44
N ILE E 51 -18.94 -9.77 5.72
CA ILE E 51 -19.26 -9.75 4.30
C ILE E 51 -18.27 -8.84 3.58
N ASN E 52 -17.83 -9.29 2.40
CA ASN E 52 -16.98 -8.50 1.53
C ASN E 52 -17.88 -7.68 0.60
N PRO E 53 -17.98 -6.37 0.78
CA PRO E 53 -18.84 -5.57 -0.12
C PRO E 53 -18.33 -5.47 -1.54
N SER E 54 -17.22 -6.13 -1.87
CA SER E 54 -16.71 -6.20 -3.23
C SER E 54 -17.18 -7.46 -3.96
N SER E 55 -17.02 -8.61 -3.34
CA SER E 55 -17.38 -9.88 -3.94
C SER E 55 -18.75 -10.38 -3.51
N GLY E 56 -19.23 -9.92 -2.36
CA GLY E 56 -20.38 -10.52 -1.75
C GLY E 56 -20.10 -11.78 -0.98
N ASP E 57 -18.84 -12.24 -0.92
CA ASP E 57 -18.52 -13.42 -0.11
C ASP E 57 -18.76 -13.11 1.36
N THR E 58 -19.25 -14.11 2.08
CA THR E 58 -19.61 -13.96 3.47
C THR E 58 -19.02 -15.10 4.28
N ARG E 59 -18.87 -14.84 5.57
CA ARG E 59 -18.53 -15.88 6.55
C ARG E 59 -19.40 -15.63 7.76
N TYR E 60 -20.33 -16.54 8.03
CA TYR E 60 -21.30 -16.39 9.11
C TYR E 60 -20.81 -17.10 10.37
N ALA E 61 -21.34 -16.67 11.51
CA ALA E 61 -20.84 -17.12 12.80
C ALA E 61 -21.22 -18.57 13.07
N GLN E 62 -20.56 -19.14 14.08
CA GLN E 62 -20.84 -20.52 14.46
C GLN E 62 -22.27 -20.69 14.93
N LYS E 63 -22.73 -19.80 15.82
CA LYS E 63 -23.99 -19.99 16.52
C LYS E 63 -25.21 -19.75 15.66
N PHE E 64 -25.07 -19.01 14.55
CA PHE E 64 -26.18 -18.83 13.62
C PHE E 64 -25.97 -19.71 12.40
N GLN E 65 -25.72 -19.08 11.25
CA GLN E 65 -25.43 -19.75 9.97
C GLN E 65 -26.64 -20.53 9.45
N GLY E 66 -26.95 -20.34 8.18
CA GLY E 66 -28.17 -20.86 7.60
C GLY E 66 -29.39 -20.01 7.83
N ARG E 67 -29.39 -19.16 8.87
CA ARG E 67 -30.46 -18.23 9.15
C ARG E 67 -30.10 -16.81 8.76
N VAL E 68 -28.86 -16.40 8.98
CA VAL E 68 -28.42 -15.05 8.64
C VAL E 68 -27.95 -15.03 7.20
N THR E 69 -28.15 -13.88 6.56
CA THR E 69 -27.73 -13.69 5.17
C THR E 69 -27.43 -12.22 4.96
N MET E 70 -26.20 -11.90 4.55
CA MET E 70 -25.78 -10.53 4.37
C MET E 70 -25.70 -10.19 2.88
N THR E 71 -26.16 -8.99 2.54
CA THR E 71 -26.22 -8.58 1.14
C THR E 71 -25.72 -7.15 0.97
N ARG E 72 -24.91 -6.94 -0.06
CA ARG E 72 -24.42 -5.62 -0.42
C ARG E 72 -25.25 -5.04 -1.57
N ASP E 73 -24.60 -4.24 -2.43
CA ASP E 73 -25.20 -3.72 -3.66
C ASP E 73 -24.14 -3.05 -4.52
N THR E 74 -23.22 -2.33 -3.87
CA THR E 74 -22.16 -1.56 -4.51
C THR E 74 -22.72 -0.54 -5.50
N SER E 75 -23.11 0.62 -4.96
CA SER E 75 -23.40 1.88 -5.67
C SER E 75 -24.31 2.75 -4.82
N THR E 76 -24.86 2.19 -3.74
CA THR E 76 -25.49 2.95 -2.69
C THR E 76 -24.73 2.85 -1.38
N ASN E 77 -23.67 2.06 -1.34
CA ASN E 77 -22.84 1.87 -0.15
C ASN E 77 -23.68 1.46 1.06
N THR E 78 -24.63 0.55 0.82
CA THR E 78 -25.50 0.01 1.84
C THR E 78 -25.26 -1.49 1.97
N VAL E 79 -25.06 -1.97 3.20
CA VAL E 79 -24.99 -3.39 3.52
C VAL E 79 -26.23 -3.75 4.34
N TYR E 80 -26.66 -5.01 4.27
CA TYR E 80 -27.83 -5.40 5.02
C TYR E 80 -27.65 -6.81 5.57
N MET E 81 -28.43 -7.11 6.62
CA MET E 81 -28.41 -8.42 7.30
C MET E 81 -29.84 -8.90 7.49
N GLU E 82 -30.19 -10.07 6.90
CA GLU E 82 -31.48 -10.74 7.14
C GLU E 82 -31.31 -11.88 8.12
N LEU E 83 -32.33 -12.07 8.94
CA LEU E 83 -32.43 -13.16 9.89
C LEU E 83 -33.87 -13.67 9.88
N SER E 84 -34.06 -14.94 9.59
CA SER E 84 -35.38 -15.53 9.43
C SER E 84 -35.68 -16.51 10.55
N SER E 85 -36.93 -16.99 10.56
CA SER E 85 -37.42 -17.93 11.57
C SER E 85 -37.19 -17.36 12.98
N LEU E 86 -37.54 -16.09 13.15
CA LEU E 86 -37.24 -15.34 14.37
C LEU E 86 -37.70 -16.04 15.63
N ARG E 87 -36.75 -16.55 16.42
CA ARG E 87 -37.03 -17.07 17.74
C ARG E 87 -37.02 -15.92 18.74
N SER E 88 -37.90 -15.99 19.74
CA SER E 88 -38.03 -14.90 20.71
C SER E 88 -36.74 -14.58 21.44
N ASP E 89 -35.70 -15.40 21.29
CA ASP E 89 -34.38 -15.09 21.81
C ASP E 89 -33.56 -14.22 20.87
N ASP E 90 -34.17 -13.73 19.79
CA ASP E 90 -33.49 -12.87 18.84
C ASP E 90 -33.77 -11.39 19.08
N THR E 91 -34.63 -11.06 20.05
CA THR E 91 -34.81 -9.67 20.45
C THR E 91 -33.46 -9.11 20.89
N ALA E 92 -32.88 -8.21 20.11
CA ALA E 92 -31.54 -7.74 20.42
C ALA E 92 -31.26 -6.48 19.62
N VAL E 93 -30.22 -5.77 20.06
CA VAL E 93 -29.64 -4.71 19.27
C VAL E 93 -28.70 -5.32 18.24
N TYR E 94 -28.85 -4.92 16.99
CA TYR E 94 -28.03 -5.42 15.91
C TYR E 94 -27.17 -4.27 15.39
N TYR E 95 -25.86 -4.48 15.40
CA TYR E 95 -24.87 -3.50 14.98
C TYR E 95 -24.18 -3.97 13.71
N CYS E 96 -23.95 -3.04 12.80
CA CYS E 96 -22.98 -3.19 11.74
C CYS E 96 -21.72 -2.41 12.11
N ALA E 97 -20.58 -2.90 11.65
CA ALA E 97 -19.32 -2.24 11.98
C ALA E 97 -18.36 -2.42 10.82
N ARG E 98 -17.47 -1.44 10.65
CA ARG E 98 -16.49 -1.48 9.57
C ARG E 98 -15.21 -2.14 10.04
N ARG E 99 -14.63 -2.96 9.17
CA ARG E 99 -13.33 -3.56 9.44
C ARG E 99 -12.29 -2.82 8.64
N PRO E 100 -11.34 -2.10 9.29
CA PRO E 100 -10.27 -1.39 8.60
C PRO E 100 -9.04 -2.25 8.39
N GLU E 104 -2.94 -2.53 7.55
CA GLU E 104 -2.73 -3.86 6.91
C GLU E 104 -3.65 -4.88 7.58
N ARG E 105 -4.11 -5.87 6.80
CA ARG E 105 -5.00 -6.92 7.32
C ARG E 105 -5.60 -6.68 8.70
N HIS E 106 -5.40 -7.66 9.61
CA HIS E 106 -5.93 -7.66 10.97
C HIS E 106 -7.45 -7.83 10.98
N ASN E 107 -8.09 -7.53 12.11
CA ASN E 107 -9.53 -7.73 12.25
C ASN E 107 -10.08 -7.13 13.54
N TRP E 108 -10.22 -5.80 13.57
CA TRP E 108 -11.00 -5.13 14.61
C TRP E 108 -12.03 -4.23 13.93
N LEU E 109 -12.97 -3.73 14.71
CA LEU E 109 -14.17 -3.08 14.19
C LEU E 109 -14.17 -1.62 14.60
N ASP E 110 -14.29 -0.73 13.61
CA ASP E 110 -14.31 0.72 13.80
C ASP E 110 -14.61 1.39 12.47
N PRO E 111 -15.65 2.25 12.39
CA PRO E 111 -16.58 2.56 13.47
C PRO E 111 -17.74 1.58 13.54
N TRP E 112 -18.77 1.94 14.30
CA TRP E 112 -19.96 1.12 14.48
C TRP E 112 -21.20 1.93 14.09
N GLY E 113 -22.31 1.22 13.94
CA GLY E 113 -23.56 1.86 13.59
C GLY E 113 -24.37 2.25 14.82
N GLN E 114 -25.48 2.95 14.56
CA GLN E 114 -26.36 3.36 15.65
C GLN E 114 -26.90 2.17 16.42
N GLY E 115 -27.05 1.03 15.75
CA GLY E 115 -27.71 -0.12 16.33
C GLY E 115 -29.20 -0.08 16.07
N THR E 116 -29.81 -1.23 15.78
CA THR E 116 -31.26 -1.31 15.61
C THR E 116 -31.79 -2.38 16.55
N LEU E 117 -32.77 -2.02 17.36
CA LEU E 117 -33.40 -2.97 18.27
C LEU E 117 -34.52 -3.69 17.53
N VAL E 118 -34.43 -5.01 17.46
CA VAL E 118 -35.52 -5.84 16.94
C VAL E 118 -36.11 -6.62 18.10
N THR E 119 -37.42 -6.53 18.26
CA THR E 119 -38.13 -7.28 19.28
C THR E 119 -39.08 -8.27 18.61
N VAL E 120 -39.06 -9.50 19.09
CA VAL E 120 -39.88 -10.55 18.51
C VAL E 120 -40.52 -11.36 19.63
N SER E 121 -41.81 -11.13 19.86
CA SER E 121 -42.58 -11.82 20.89
C SER E 121 -43.91 -12.25 20.32
N SER E 122 -44.55 -13.19 21.01
CA SER E 122 -45.79 -13.77 20.51
C SER E 122 -46.96 -12.79 20.55
N ALA E 123 -46.83 -11.68 21.28
CA ALA E 123 -47.91 -10.72 21.41
C ALA E 123 -47.73 -9.60 20.37
N SER E 124 -48.58 -8.58 20.45
CA SER E 124 -48.51 -7.44 19.54
C SER E 124 -48.96 -6.19 20.29
N THR E 125 -49.34 -5.17 19.52
CA THR E 125 -49.56 -3.85 20.07
C THR E 125 -50.73 -3.83 21.05
N LYS E 126 -50.54 -3.12 22.16
CA LYS E 126 -51.60 -2.92 23.14
C LYS E 126 -51.19 -1.77 24.05
N GLY E 127 -52.15 -0.88 24.33
CA GLY E 127 -51.93 0.21 25.22
C GLY E 127 -51.85 -0.23 26.67
N PRO E 128 -51.13 0.53 27.49
CA PRO E 128 -50.92 0.13 28.87
C PRO E 128 -52.00 0.63 29.81
N SER E 129 -52.04 0.01 30.98
CA SER E 129 -52.88 0.45 32.09
C SER E 129 -52.02 1.36 32.96
N VAL E 130 -52.31 2.66 32.93
CA VAL E 130 -51.49 3.68 33.58
C VAL E 130 -52.24 4.18 34.80
N PHE E 131 -51.75 3.82 35.98
CA PHE E 131 -52.44 4.12 37.22
C PHE E 131 -51.52 4.87 38.17
N PRO E 132 -51.96 5.98 38.75
CA PRO E 132 -51.06 6.82 39.55
C PRO E 132 -50.95 6.33 40.99
N LEU E 133 -50.16 7.07 41.77
CA LEU E 133 -49.84 6.71 43.15
C LEU E 133 -49.66 8.01 43.92
N ALA E 134 -50.51 8.23 44.96
CA ALA E 134 -50.53 9.50 45.69
C ALA E 134 -50.44 9.29 47.21
N PRO E 135 -51.56 9.32 47.96
CA PRO E 135 -51.53 9.11 49.41
C PRO E 135 -51.32 7.64 49.77
N THR E 144 -41.17 15.07 53.59
CA THR E 144 -40.75 14.75 52.23
C THR E 144 -41.28 13.38 51.83
N ALA E 145 -42.08 13.31 50.77
CA ALA E 145 -42.75 12.07 50.39
C ALA E 145 -42.72 11.91 48.88
N ALA E 146 -43.22 10.78 48.40
CA ALA E 146 -43.11 10.39 47.00
C ALA E 146 -44.48 10.05 46.42
N LEU E 147 -44.66 10.41 45.15
CA LEU E 147 -45.81 10.04 44.33
C LEU E 147 -45.30 9.32 43.08
N GLY E 148 -46.20 9.05 42.14
CA GLY E 148 -45.76 8.53 40.86
C GLY E 148 -46.91 7.91 40.07
N CYS E 149 -46.54 6.99 39.18
CA CYS E 149 -47.51 6.21 38.41
C CYS E 149 -46.98 4.79 38.25
N LEU E 150 -47.72 4.01 37.47
CA LEU E 150 -47.34 2.65 37.12
C LEU E 150 -47.92 2.35 35.74
N VAL E 151 -47.07 1.79 34.87
CA VAL E 151 -47.45 1.35 33.54
C VAL E 151 -47.50 -0.16 33.56
N LYS E 152 -48.69 -0.73 33.39
CA LYS E 152 -48.91 -2.17 33.56
C LYS E 152 -49.48 -2.78 32.27
N ASP E 153 -48.91 -3.93 31.89
CA ASP E 153 -49.40 -4.75 30.79
C ASP E 153 -49.46 -3.99 29.47
N TYR E 154 -48.38 -4.03 28.70
CA TYR E 154 -48.35 -3.37 27.40
C TYR E 154 -47.25 -4.01 26.54
N PHE E 155 -47.31 -3.69 25.25
CA PHE E 155 -46.34 -4.15 24.26
C PHE E 155 -46.56 -3.39 22.96
N PRO E 156 -45.49 -3.00 22.25
CA PRO E 156 -44.10 -3.14 22.68
C PRO E 156 -43.55 -1.85 23.28
N GLU E 157 -42.31 -1.91 23.77
CA GLU E 157 -41.62 -0.71 24.21
C GLU E 157 -41.31 0.16 22.99
N PRO E 158 -40.96 1.44 23.21
CA PRO E 158 -40.76 2.16 24.47
C PRO E 158 -41.84 3.17 24.84
N VAL E 159 -42.13 3.26 26.14
CA VAL E 159 -43.02 4.28 26.68
C VAL E 159 -42.17 5.37 27.33
N THR E 160 -42.54 6.62 27.08
CA THR E 160 -41.96 7.76 27.76
C THR E 160 -42.94 8.25 28.82
N VAL E 161 -42.39 8.72 29.93
CA VAL E 161 -43.19 9.33 30.99
C VAL E 161 -42.58 10.68 31.32
N SER E 162 -43.37 11.74 31.19
CA SER E 162 -42.96 13.10 31.49
C SER E 162 -43.67 13.61 32.74
N TRP E 163 -43.25 14.79 33.21
CA TRP E 163 -43.82 15.41 34.39
C TRP E 163 -43.97 16.91 34.15
N ASN E 164 -45.07 17.48 34.68
CA ASN E 164 -45.75 18.71 34.24
C ASN E 164 -45.30 19.28 32.89
N SER E 165 -45.71 18.60 31.82
CA SER E 165 -45.38 19.02 30.45
C SER E 165 -43.88 19.16 30.26
N GLY E 166 -43.11 18.39 31.03
CA GLY E 166 -41.66 18.45 30.95
C GLY E 166 -41.07 19.65 31.64
N ALA E 167 -41.10 19.67 32.98
CA ALA E 167 -40.47 20.76 33.73
C ALA E 167 -40.17 20.35 35.17
N LEU E 168 -40.84 19.30 35.66
CA LEU E 168 -40.52 18.74 36.97
C LEU E 168 -39.26 17.91 36.81
N THR E 169 -38.10 18.51 37.12
CA THR E 169 -36.83 17.93 36.70
C THR E 169 -36.26 16.94 37.72
N SER E 170 -35.95 17.40 38.93
CA SER E 170 -35.24 16.57 39.89
C SER E 170 -36.22 15.73 40.70
N GLY E 171 -35.74 14.56 41.12
CA GLY E 171 -36.59 13.55 41.74
C GLY E 171 -37.20 12.56 40.76
N VAL E 172 -37.04 12.80 39.46
CA VAL E 172 -37.61 11.91 38.45
C VAL E 172 -36.80 10.62 38.41
N HIS E 173 -37.48 9.49 38.60
CA HIS E 173 -36.84 8.17 38.59
C HIS E 173 -37.77 7.22 37.82
N THR E 174 -37.70 7.28 36.49
CA THR E 174 -38.48 6.38 35.65
C THR E 174 -37.77 5.04 35.60
N PHE E 175 -38.36 4.02 36.22
CA PHE E 175 -37.73 2.72 36.31
C PHE E 175 -37.73 2.03 34.95
N PRO E 176 -36.90 1.01 34.78
CA PRO E 176 -36.89 0.28 33.50
C PRO E 176 -38.00 -0.77 33.45
N ALA E 177 -38.53 -0.96 32.24
CA ALA E 177 -39.61 -1.92 32.03
C ALA E 177 -39.11 -3.34 32.23
N VAL E 178 -39.98 -4.19 32.76
CA VAL E 178 -39.70 -5.60 32.96
C VAL E 178 -40.79 -6.41 32.28
N LEU E 179 -40.37 -7.45 31.54
CA LEU E 179 -41.33 -8.34 30.89
C LEU E 179 -41.98 -9.26 31.92
N GLN E 180 -43.28 -9.47 31.75
CA GLN E 180 -44.09 -10.27 32.65
C GLN E 180 -44.51 -11.55 31.95
N SER E 181 -44.55 -12.63 32.74
CA SER E 181 -44.95 -13.98 32.36
C SER E 181 -46.13 -13.98 31.41
N SER E 182 -47.07 -13.05 31.63
CA SER E 182 -48.10 -12.79 30.64
C SER E 182 -47.50 -12.46 29.28
N GLY E 183 -46.25 -12.04 29.24
CA GLY E 183 -45.60 -11.61 28.03
C GLY E 183 -45.66 -10.13 27.79
N LEU E 184 -45.81 -9.32 28.84
CA LEU E 184 -46.07 -7.90 28.67
C LEU E 184 -45.22 -7.07 29.63
N TYR E 185 -44.86 -5.87 29.21
CA TYR E 185 -43.96 -5.07 30.03
C TYR E 185 -44.71 -4.42 31.19
N SER E 186 -43.92 -3.95 32.17
CA SER E 186 -44.41 -3.13 33.26
C SER E 186 -43.31 -2.15 33.66
N LEU E 187 -43.70 -0.94 34.05
CA LEU E 187 -42.75 0.14 34.29
C LEU E 187 -43.43 1.20 35.15
N SER E 188 -42.83 1.55 36.28
CA SER E 188 -43.40 2.57 37.15
C SER E 188 -42.38 3.68 37.36
N SER E 189 -42.80 4.92 37.15
CA SER E 189 -41.94 6.10 37.26
C SER E 189 -42.28 6.83 38.55
N VAL E 190 -41.34 6.85 39.49
CA VAL E 190 -41.56 7.43 40.79
C VAL E 190 -41.07 8.88 40.78
N VAL E 191 -41.52 9.66 41.75
CA VAL E 191 -41.00 10.99 41.99
C VAL E 191 -41.07 11.28 43.49
N THR E 192 -40.08 12.00 44.01
CA THR E 192 -40.02 12.43 45.40
C THR E 192 -40.02 13.95 45.45
N VAL E 193 -40.70 14.50 46.46
CA VAL E 193 -41.04 15.91 46.51
C VAL E 193 -41.29 16.31 47.96
N PRO E 194 -41.13 17.59 48.34
CA PRO E 194 -41.42 17.99 49.71
C PRO E 194 -42.86 17.68 50.11
N SER E 195 -43.02 17.27 51.37
CA SER E 195 -44.34 16.92 51.90
C SER E 195 -45.07 18.16 52.38
N SER E 196 -44.88 19.28 51.69
CA SER E 196 -45.58 20.52 52.00
C SER E 196 -46.34 21.11 50.83
N SER E 197 -46.07 20.68 49.60
CA SER E 197 -46.75 21.19 48.42
C SER E 197 -47.80 20.22 47.88
N LEU E 198 -48.20 19.23 48.68
CA LEU E 198 -49.24 18.30 48.25
C LEU E 198 -50.60 18.97 48.31
N GLY E 199 -51.47 18.59 47.38
CA GLY E 199 -52.77 19.24 47.24
C GLY E 199 -52.71 20.60 46.58
N THR E 200 -51.83 21.47 47.06
CA THR E 200 -51.71 22.82 46.50
C THR E 200 -50.95 22.83 45.18
N GLN E 201 -50.21 21.78 44.86
CA GLN E 201 -49.48 21.68 43.59
C GLN E 201 -50.02 20.50 42.81
N THR E 202 -50.63 20.78 41.66
CA THR E 202 -51.21 19.75 40.81
C THR E 202 -50.09 19.02 40.09
N TYR E 203 -49.91 17.74 40.40
CA TYR E 203 -48.78 16.96 39.90
C TYR E 203 -49.27 16.00 38.84
N ILE E 204 -49.00 16.34 37.58
CA ILE E 204 -49.36 15.51 36.43
C ILE E 204 -48.33 14.42 36.25
N CYS E 205 -48.79 13.27 35.79
CA CYS E 205 -47.94 12.11 35.57
C CYS E 205 -48.38 11.45 34.27
N ASN E 206 -47.52 11.52 33.26
CA ASN E 206 -47.88 11.18 31.89
C ASN E 206 -47.58 9.72 31.55
N VAL E 207 -47.83 9.38 30.30
CA VAL E 207 -47.40 8.12 29.72
C VAL E 207 -47.42 8.30 28.21
N ASN E 208 -46.63 7.48 27.49
CA ASN E 208 -46.46 7.68 26.05
C ASN E 208 -46.14 6.33 25.40
N HIS E 209 -47.15 5.48 25.27
CA HIS E 209 -47.02 4.25 24.48
C HIS E 209 -47.46 4.56 23.05
N LYS E 210 -46.57 5.27 22.34
CA LYS E 210 -46.83 5.57 20.93
C LYS E 210 -47.08 4.33 20.08
N PRO E 211 -46.34 3.20 20.24
CA PRO E 211 -46.64 2.00 19.44
C PRO E 211 -48.14 1.70 19.33
N SER E 212 -48.87 1.86 20.43
CA SER E 212 -50.32 1.79 20.41
C SER E 212 -50.97 3.16 20.44
N ASN E 213 -50.19 4.23 20.61
CA ASN E 213 -50.68 5.60 20.69
C ASN E 213 -51.61 5.81 21.88
N THR E 214 -51.45 5.00 22.92
CA THR E 214 -52.17 5.18 24.17
C THR E 214 -51.43 6.23 24.99
N LYS E 215 -51.78 7.50 24.77
CA LYS E 215 -51.16 8.66 25.38
C LYS E 215 -52.05 9.23 26.49
N VAL E 216 -52.60 8.36 27.34
CA VAL E 216 -53.42 8.82 28.45
C VAL E 216 -52.53 9.58 29.43
N ASP E 217 -52.77 10.87 29.58
CA ASP E 217 -51.99 11.72 30.47
C ASP E 217 -52.88 12.16 31.63
N LYS E 218 -52.47 11.79 32.85
CA LYS E 218 -53.27 12.05 34.04
C LYS E 218 -52.44 12.79 35.07
N ARG E 219 -53.13 13.32 36.08
CA ARG E 219 -52.56 13.98 37.24
C ARG E 219 -52.88 13.13 38.46
N VAL E 220 -52.03 13.21 39.47
CA VAL E 220 -52.13 12.32 40.63
C VAL E 220 -52.27 13.20 41.88
N GLU E 221 -53.46 13.15 42.51
CA GLU E 221 -53.84 13.92 43.70
C GLU E 221 -54.09 12.98 44.88
N PRO E 222 -53.81 13.43 46.12
CA PRO E 222 -53.98 12.53 47.27
C PRO E 222 -55.42 12.37 47.71
N GLU F 1 -13.35 -22.94 19.59
CA GLU F 1 -13.66 -21.78 18.77
C GLU F 1 -13.14 -20.47 19.39
N ILE F 2 -12.21 -20.60 20.37
CA ILE F 2 -11.54 -19.54 21.14
C ILE F 2 -12.54 -18.78 21.99
N VAL F 3 -12.32 -18.75 23.31
CA VAL F 3 -13.19 -18.10 24.27
C VAL F 3 -12.39 -17.13 25.13
N MET F 4 -13.04 -16.02 25.47
CA MET F 4 -12.50 -15.00 26.35
C MET F 4 -13.40 -14.87 27.56
N THR F 5 -12.79 -14.81 28.75
CA THR F 5 -13.51 -14.50 29.98
C THR F 5 -12.90 -13.24 30.59
N GLN F 6 -13.76 -12.35 31.07
CA GLN F 6 -13.36 -10.99 31.45
C GLN F 6 -13.39 -10.84 32.97
N SER F 7 -12.19 -10.68 33.56
CA SER F 7 -11.86 -9.97 34.79
C SER F 7 -12.97 -10.08 35.83
N PRO F 8 -13.58 -9.02 36.45
CA PRO F 8 -14.85 -9.33 37.13
C PRO F 8 -16.04 -8.85 36.33
N ALA F 9 -17.26 -9.25 36.69
CA ALA F 9 -18.42 -8.75 35.96
C ALA F 9 -18.56 -7.26 36.15
N THR F 10 -18.63 -6.82 37.40
CA THR F 10 -18.70 -5.40 37.72
C THR F 10 -17.55 -5.00 38.63
N LEU F 11 -17.31 -3.69 38.69
CA LEU F 11 -16.20 -3.17 39.47
C LEU F 11 -16.56 -1.76 39.93
N SER F 12 -16.65 -1.57 41.24
CA SER F 12 -16.93 -0.26 41.84
C SER F 12 -15.59 0.38 42.21
N VAL F 13 -15.23 1.44 41.50
CA VAL F 13 -14.03 2.21 41.81
C VAL F 13 -14.42 3.68 41.89
N SER F 14 -13.76 4.40 42.81
CA SER F 14 -14.05 5.81 43.03
C SER F 14 -13.46 6.66 41.90
N PRO F 15 -14.11 7.76 41.54
CA PRO F 15 -13.55 8.67 40.53
C PRO F 15 -12.15 9.13 40.91
N GLY F 16 -11.29 9.26 39.91
CA GLY F 16 -9.92 9.63 40.12
C GLY F 16 -9.01 8.49 40.51
N GLU F 17 -9.56 7.35 40.93
CA GLU F 17 -8.74 6.18 41.23
C GLU F 17 -8.41 5.43 39.94
N ARG F 18 -7.59 4.40 40.06
CA ARG F 18 -7.17 3.59 38.94
C ARG F 18 -8.03 2.32 38.87
N ALA F 19 -8.34 1.91 37.65
CA ALA F 19 -9.09 0.67 37.42
C ALA F 19 -8.29 -0.25 36.51
N THR F 20 -8.26 -1.54 36.87
CA THR F 20 -7.65 -2.57 36.04
C THR F 20 -8.69 -3.64 35.74
N LEU F 21 -8.89 -3.90 34.45
CA LEU F 21 -9.68 -5.03 33.98
C LEU F 21 -8.75 -5.95 33.19
N SER F 22 -9.13 -7.21 33.09
CA SER F 22 -8.30 -8.18 32.40
C SER F 22 -9.18 -9.14 31.61
N CYS F 23 -8.58 -9.76 30.61
CA CYS F 23 -9.31 -10.59 29.65
C CYS F 23 -8.44 -11.82 29.41
N ARG F 24 -8.86 -12.96 29.94
CA ARG F 24 -8.11 -14.19 29.77
C ARG F 24 -8.70 -14.94 28.59
N ALA F 25 -7.87 -15.22 27.60
CA ALA F 25 -8.25 -16.07 26.49
C ALA F 25 -7.87 -17.50 26.81
N SER F 26 -8.84 -18.39 26.90
CA SER F 26 -8.50 -19.80 26.89
C SER F 26 -7.94 -20.10 25.52
N GLN F 27 -6.75 -20.71 25.45
CA GLN F 27 -5.93 -20.85 24.24
C GLN F 27 -5.16 -19.56 23.96
N SER F 28 -4.01 -19.64 23.31
CA SER F 28 -3.15 -18.47 23.13
C SER F 28 -3.60 -17.63 21.94
N ILE F 29 -3.47 -16.31 22.09
CA ILE F 29 -3.60 -15.37 20.99
C ILE F 29 -2.38 -14.46 21.00
N SER F 30 -1.71 -14.36 19.85
CA SER F 30 -0.36 -13.80 19.79
C SER F 30 -0.42 -12.28 19.84
N SER F 31 -0.63 -11.76 21.06
CA SER F 31 -0.60 -10.32 21.33
C SER F 31 -1.52 -9.54 20.38
N ASN F 32 -2.65 -10.17 20.03
CA ASN F 32 -3.65 -9.51 19.20
C ASN F 32 -4.61 -8.75 20.09
N LEU F 33 -5.90 -9.06 20.02
CA LEU F 33 -6.92 -8.56 20.94
C LEU F 33 -7.17 -7.07 20.83
N ALA F 34 -8.42 -6.66 21.03
CA ALA F 34 -8.84 -5.27 21.04
C ALA F 34 -9.76 -5.03 22.22
N TRP F 35 -9.78 -3.77 22.68
CA TRP F 35 -10.64 -3.29 23.75
C TRP F 35 -11.59 -2.25 23.20
N TYR F 36 -12.87 -2.39 23.53
CA TYR F 36 -13.93 -1.45 23.18
C TYR F 36 -14.59 -0.90 24.43
N GLN F 37 -15.08 0.33 24.31
CA GLN F 37 -15.90 0.96 25.34
C GLN F 37 -17.33 1.10 24.85
N GLN F 38 -18.28 0.86 25.73
CA GLN F 38 -19.70 1.00 25.41
C GLN F 38 -20.36 1.72 26.59
N LYS F 39 -20.61 3.02 26.42
CA LYS F 39 -21.46 3.73 27.35
C LYS F 39 -22.88 3.18 27.26
N PRO F 40 -23.61 3.15 28.37
CA PRO F 40 -24.99 2.65 28.33
C PRO F 40 -25.84 3.42 27.33
N GLY F 41 -26.54 2.66 26.48
CA GLY F 41 -27.39 3.25 25.45
C GLY F 41 -26.70 3.63 24.17
N GLN F 42 -25.40 3.37 24.03
CA GLN F 42 -24.65 3.74 22.84
C GLN F 42 -23.91 2.53 22.29
N ALA F 43 -23.52 2.63 21.02
CA ALA F 43 -22.74 1.59 20.38
C ALA F 43 -21.34 1.54 20.97
N PRO F 44 -20.68 0.38 20.88
CA PRO F 44 -19.29 0.30 21.36
C PRO F 44 -18.36 1.17 20.55
N ARG F 45 -17.32 1.68 21.22
CA ARG F 45 -16.29 2.47 20.59
C ARG F 45 -14.94 1.80 20.78
N LEU F 46 -14.16 1.75 19.71
CA LEU F 46 -12.85 1.08 19.75
C LEU F 46 -11.87 1.92 20.56
N LEU F 47 -11.35 1.33 21.64
CA LEU F 47 -10.34 1.98 22.46
C LEU F 47 -8.92 1.58 22.06
N ILE F 48 -8.65 0.28 22.01
CA ILE F 48 -7.29 -0.20 21.84
C ILE F 48 -7.31 -1.41 20.91
N TYR F 49 -6.27 -1.54 20.08
CA TYR F 49 -6.12 -2.70 19.23
C TYR F 49 -4.69 -3.22 19.32
N GLY F 50 -4.50 -4.47 18.91
CA GLY F 50 -3.19 -5.09 18.94
C GLY F 50 -2.57 -5.10 20.33
N ALA F 51 -3.35 -5.55 21.32
CA ALA F 51 -2.96 -5.64 22.72
C ALA F 51 -2.90 -4.27 23.39
N SER F 52 -2.15 -3.33 22.82
CA SER F 52 -1.90 -2.08 23.52
C SER F 52 -1.82 -0.85 22.62
N THR F 53 -2.02 -0.96 21.32
CA THR F 53 -1.98 0.21 20.46
C THR F 53 -3.22 1.06 20.70
N ARG F 54 -3.02 2.28 21.21
CA ARG F 54 -4.12 3.19 21.45
C ARG F 54 -4.72 3.64 20.12
N ALA F 55 -6.02 3.42 19.95
CA ALA F 55 -6.70 3.83 18.73
C ALA F 55 -6.70 5.35 18.62
N THR F 56 -6.95 5.83 17.40
CA THR F 56 -7.03 7.27 17.15
C THR F 56 -8.25 7.83 17.86
N GLY F 57 -8.03 8.78 18.76
CA GLY F 57 -9.07 9.34 19.61
C GLY F 57 -9.02 8.84 21.04
N THR F 58 -8.33 7.74 21.30
CA THR F 58 -8.21 7.25 22.66
C THR F 58 -7.37 8.23 23.49
N PRO F 59 -7.83 8.63 24.67
CA PRO F 59 -7.00 9.49 25.53
C PRO F 59 -5.89 8.69 26.21
N ALA F 60 -4.98 9.43 26.85
CA ALA F 60 -3.77 8.83 27.38
C ALA F 60 -4.05 7.91 28.57
N ARG F 61 -5.13 8.17 29.31
CA ARG F 61 -5.47 7.40 30.51
C ARG F 61 -5.66 5.92 30.25
N PHE F 62 -5.80 5.50 29.00
CA PHE F 62 -6.14 4.13 28.64
C PHE F 62 -4.90 3.40 28.15
N SER F 63 -4.54 2.30 28.83
CA SER F 63 -3.36 1.53 28.46
C SER F 63 -3.70 0.05 28.40
N GLY F 64 -3.05 -0.65 27.48
CA GLY F 64 -3.21 -2.08 27.34
C GLY F 64 -1.89 -2.79 27.62
N SER F 65 -2.00 -4.03 28.12
CA SER F 65 -0.82 -4.84 28.40
C SER F 65 -1.26 -6.30 28.45
N GLY F 66 -0.70 -7.13 27.58
CA GLY F 66 -1.14 -8.52 27.55
C GLY F 66 -0.11 -9.51 27.06
N SER F 67 -0.08 -9.72 25.74
CA SER F 67 0.86 -10.64 25.09
C SER F 67 0.70 -12.06 25.61
N GLY F 68 -0.10 -12.88 24.93
CA GLY F 68 -0.30 -14.25 25.36
C GLY F 68 -1.76 -14.65 25.45
N THR F 69 -2.24 -14.91 26.67
CA THR F 69 -3.63 -15.28 26.92
C THR F 69 -4.29 -14.48 28.04
N GLU F 70 -3.53 -13.80 28.90
CA GLU F 70 -4.10 -12.92 29.90
C GLU F 70 -3.72 -11.49 29.53
N PHE F 71 -4.72 -10.68 29.22
CA PHE F 71 -4.56 -9.31 28.79
C PHE F 71 -5.16 -8.38 29.83
N THR F 72 -4.85 -7.08 29.72
CA THR F 72 -5.22 -6.14 30.76
C THR F 72 -5.42 -4.75 30.18
N LEU F 73 -6.53 -4.11 30.56
CA LEU F 73 -6.81 -2.72 30.28
C LEU F 73 -6.75 -1.94 31.60
N THR F 74 -5.94 -0.89 31.63
CA THR F 74 -5.84 -0.02 32.80
C THR F 74 -6.29 1.38 32.45
N ILE F 75 -7.10 1.96 33.33
CA ILE F 75 -7.50 3.36 33.27
C ILE F 75 -6.93 4.04 34.51
N SER F 76 -5.93 4.89 34.30
CA SER F 76 -5.41 5.73 35.38
C SER F 76 -6.34 6.92 35.59
N SER F 77 -6.78 7.12 36.84
CA SER F 77 -7.71 8.19 37.20
C SER F 77 -8.99 8.11 36.40
N LEU F 78 -10.02 7.49 36.97
CA LEU F 78 -11.29 7.37 36.30
C LEU F 78 -12.01 8.71 36.24
N GLN F 79 -12.65 8.96 35.10
CA GLN F 79 -13.48 10.13 34.90
C GLN F 79 -14.94 9.72 34.85
N SER F 80 -15.82 10.72 34.86
CA SER F 80 -17.25 10.46 34.78
C SER F 80 -17.59 9.62 33.56
N GLU F 81 -17.11 10.05 32.39
CA GLU F 81 -17.39 9.35 31.13
C GLU F 81 -16.75 7.97 31.05
N ASP F 82 -15.88 7.61 31.99
CA ASP F 82 -15.21 6.31 31.93
C ASP F 82 -16.06 5.19 32.49
N PHE F 83 -17.04 5.49 33.36
CA PHE F 83 -17.86 4.46 33.96
C PHE F 83 -18.84 3.94 32.90
N ALA F 84 -18.48 2.81 32.29
CA ALA F 84 -19.23 2.23 31.19
C ALA F 84 -18.83 0.75 31.07
N SER F 85 -19.12 0.15 29.93
CA SER F 85 -18.78 -1.24 29.69
C SER F 85 -17.49 -1.33 28.87
N TYR F 86 -16.73 -2.40 29.11
CA TYR F 86 -15.45 -2.61 28.42
C TYR F 86 -15.40 -4.04 27.92
N TYR F 87 -15.29 -4.20 26.61
CA TYR F 87 -15.36 -5.51 25.96
C TYR F 87 -14.05 -5.82 25.27
N CYS F 88 -13.49 -6.98 25.55
CA CYS F 88 -12.30 -7.46 24.85
C CYS F 88 -12.73 -8.43 23.75
N GLN F 89 -12.06 -8.33 22.61
CA GLN F 89 -12.30 -9.23 21.48
C GLN F 89 -10.96 -9.75 20.97
N GLN F 90 -10.98 -10.93 20.37
CA GLN F 90 -9.78 -11.51 19.77
C GLN F 90 -9.92 -11.53 18.26
N TYR F 91 -8.81 -11.77 17.58
CA TYR F 91 -8.84 -11.96 16.14
C TYR F 91 -7.66 -12.80 15.66
N ASN F 92 -7.65 -14.09 16.03
CA ASN F 92 -6.53 -14.98 15.70
C ASN F 92 -6.76 -15.74 14.40
N ASN F 93 -7.96 -16.29 14.20
CA ASN F 93 -8.25 -17.14 13.04
C ASN F 93 -9.14 -16.43 12.03
N TRP F 94 -8.64 -15.31 11.52
CA TRP F 94 -9.15 -14.41 10.48
C TRP F 94 -10.61 -13.99 10.73
N PRO F 95 -11.64 -14.45 9.99
CA PRO F 95 -12.90 -13.69 10.05
C PRO F 95 -13.64 -13.90 11.35
N ALA F 96 -13.45 -15.03 12.01
CA ALA F 96 -14.07 -15.28 13.30
C ALA F 96 -13.48 -14.35 14.35
N ILE F 97 -14.35 -13.70 15.11
CA ILE F 97 -13.97 -12.93 16.28
C ILE F 97 -14.83 -13.43 17.43
N THR F 98 -14.30 -13.29 18.65
CA THR F 98 -15.09 -13.62 19.83
C THR F 98 -14.88 -12.54 20.86
N PHE F 99 -15.94 -12.24 21.60
CA PHE F 99 -15.93 -11.21 22.63
C PHE F 99 -15.95 -11.85 24.01
N GLY F 100 -15.46 -11.11 25.00
CA GLY F 100 -15.76 -11.44 26.37
C GLY F 100 -17.16 -10.99 26.74
N GLN F 101 -17.65 -11.46 27.89
CA GLN F 101 -19.01 -11.13 28.26
C GLN F 101 -19.14 -9.70 28.75
N GLY F 102 -18.05 -9.05 29.12
CA GLY F 102 -18.06 -7.63 29.41
C GLY F 102 -17.89 -7.33 30.89
N THR F 103 -17.13 -6.27 31.17
CA THR F 103 -16.93 -5.78 32.53
C THR F 103 -17.59 -4.40 32.66
N ARG F 104 -18.32 -4.21 33.75
CA ARG F 104 -19.04 -2.97 34.00
C ARG F 104 -18.32 -2.19 35.09
N LEU F 105 -17.89 -0.97 34.75
CA LEU F 105 -17.28 -0.06 35.72
C LEU F 105 -18.37 0.77 36.38
N GLU F 106 -18.38 0.80 37.71
CA GLU F 106 -19.40 1.50 38.46
C GLU F 106 -18.76 2.47 39.44
N ILE F 107 -19.46 3.57 39.70
CA ILE F 107 -18.95 4.60 40.61
C ILE F 107 -19.05 4.09 42.04
N LYS F 108 -17.93 4.14 42.76
CA LYS F 108 -17.89 3.81 44.17
C LYS F 108 -18.25 5.04 45.00
N ARG F 109 -18.84 4.80 46.17
CA ARG F 109 -19.18 5.87 47.10
C ARG F 109 -19.45 5.26 48.46
N THR F 110 -19.98 6.07 49.37
CA THR F 110 -20.26 5.66 50.74
C THR F 110 -21.64 5.01 50.85
N VAL F 111 -21.85 4.33 51.97
CA VAL F 111 -23.11 3.60 52.18
C VAL F 111 -24.26 4.59 52.34
N ALA F 112 -25.38 4.29 51.68
CA ALA F 112 -26.60 5.07 51.82
C ALA F 112 -27.75 4.11 52.08
N ALA F 113 -28.37 4.24 53.24
CA ALA F 113 -29.52 3.40 53.58
C ALA F 113 -30.73 3.82 52.73
N PRO F 114 -31.58 2.86 52.36
CA PRO F 114 -32.70 3.17 51.47
C PRO F 114 -33.83 3.91 52.17
N SER F 115 -34.47 4.80 51.42
CA SER F 115 -35.68 5.49 51.87
C SER F 115 -36.87 4.73 51.30
N VAL F 116 -37.66 4.11 52.17
CA VAL F 116 -38.67 3.15 51.75
C VAL F 116 -40.02 3.86 51.57
N PHE F 117 -40.74 3.45 50.52
CA PHE F 117 -42.09 3.91 50.27
C PHE F 117 -42.96 2.73 49.89
N ILE F 118 -44.21 2.72 50.35
CA ILE F 118 -45.18 1.72 49.96
C ILE F 118 -46.29 2.40 49.18
N PHE F 119 -46.91 1.63 48.28
CA PHE F 119 -47.94 2.20 47.42
C PHE F 119 -49.01 1.17 47.11
N PRO F 120 -50.23 1.36 47.63
CA PRO F 120 -51.27 0.35 47.50
C PRO F 120 -51.90 0.38 46.12
N PRO F 121 -52.69 -0.64 45.78
CA PRO F 121 -53.41 -0.63 44.50
C PRO F 121 -54.40 0.54 44.41
N SER F 122 -54.75 0.87 43.18
CA SER F 122 -55.56 2.04 42.88
C SER F 122 -57.05 1.69 42.89
N ASP F 123 -57.88 2.74 42.84
CA ASP F 123 -59.33 2.59 42.70
C ASP F 123 -59.76 2.87 41.27
N GLU F 124 -59.12 2.17 40.33
CA GLU F 124 -59.44 2.19 38.91
C GLU F 124 -59.03 0.85 38.35
N GLN F 125 -57.93 0.33 38.88
CA GLN F 125 -57.45 -1.00 38.51
C GLN F 125 -58.16 -2.09 39.33
N LEU F 126 -58.39 -1.81 40.62
CA LEU F 126 -59.19 -2.73 41.42
C LEU F 126 -60.58 -2.87 40.83
N LYS F 127 -61.14 -1.78 40.30
CA LYS F 127 -62.37 -1.88 39.53
C LYS F 127 -62.17 -2.67 38.25
N SER F 128 -60.95 -2.64 37.69
CA SER F 128 -60.64 -3.40 36.49
C SER F 128 -60.16 -4.80 36.85
N GLY F 129 -59.03 -5.21 36.29
CA GLY F 129 -58.57 -6.58 36.42
C GLY F 129 -57.97 -6.96 37.76
N THR F 130 -56.64 -6.84 37.90
CA THR F 130 -55.90 -7.44 39.00
C THR F 130 -55.07 -6.38 39.71
N ALA F 131 -54.78 -6.63 40.98
CA ALA F 131 -54.24 -5.64 41.91
C ALA F 131 -52.76 -5.35 41.65
N SER F 132 -52.19 -4.44 42.44
CA SER F 132 -50.78 -4.05 42.31
C SER F 132 -50.28 -3.21 43.49
N VAL F 133 -49.40 -3.77 44.32
CA VAL F 133 -48.77 -3.01 45.41
C VAL F 133 -47.29 -2.84 45.09
N VAL F 134 -46.83 -1.60 45.11
CA VAL F 134 -45.46 -1.25 44.71
C VAL F 134 -44.68 -0.86 45.96
N CYS F 135 -43.54 -1.51 46.14
CA CYS F 135 -42.59 -1.18 47.19
C CYS F 135 -41.34 -0.54 46.59
N LEU F 136 -40.90 0.54 47.20
CA LEU F 136 -39.80 1.33 46.66
C LEU F 136 -38.71 1.54 47.70
N LEU F 137 -37.46 1.46 47.24
CA LEU F 137 -36.28 1.80 48.02
C LEU F 137 -35.55 2.88 47.24
N ASN F 138 -35.61 4.12 47.70
CA ASN F 138 -35.04 5.26 46.98
C ASN F 138 -33.69 5.64 47.55
N ASN F 139 -32.79 6.02 46.64
CA ASN F 139 -31.48 6.59 46.97
C ASN F 139 -30.73 5.74 47.98
N PHE F 140 -30.19 4.60 47.54
CA PHE F 140 -29.40 3.75 48.40
C PHE F 140 -28.16 3.27 47.66
N TYR F 141 -27.18 2.81 48.44
CA TYR F 141 -25.93 2.29 47.92
C TYR F 141 -25.37 1.35 48.98
N PRO F 142 -24.85 0.17 48.59
CA PRO F 142 -24.70 -0.27 47.20
C PRO F 142 -25.93 -0.96 46.62
N ARG F 143 -25.74 -1.59 45.45
CA ARG F 143 -26.81 -2.28 44.75
C ARG F 143 -27.38 -3.44 45.55
N GLU F 144 -26.64 -3.94 46.54
CA GLU F 144 -27.04 -5.14 47.26
C GLU F 144 -28.18 -4.82 48.22
N ALA F 145 -29.34 -5.44 48.01
CA ALA F 145 -30.50 -5.21 48.83
C ALA F 145 -31.44 -6.39 48.73
N LYS F 146 -31.96 -6.84 49.87
CA LYS F 146 -32.95 -7.90 49.93
C LYS F 146 -34.33 -7.28 50.16
N VAL F 147 -35.34 -7.81 49.47
CA VAL F 147 -36.69 -7.27 49.52
C VAL F 147 -37.65 -8.44 49.74
N GLN F 148 -37.92 -8.75 51.00
CA GLN F 148 -38.93 -9.75 51.33
C GLN F 148 -40.29 -9.07 51.44
N TRP F 149 -41.35 -9.83 51.20
CA TRP F 149 -42.67 -9.26 51.03
C TRP F 149 -43.68 -9.96 51.92
N LYS F 150 -44.63 -9.20 52.46
CA LYS F 150 -45.59 -9.69 53.43
C LYS F 150 -46.96 -9.10 53.10
N VAL F 151 -47.98 -9.94 53.16
CA VAL F 151 -49.37 -9.52 53.09
C VAL F 151 -50.10 -10.16 54.26
N ASP F 152 -50.45 -9.34 55.26
CA ASP F 152 -51.02 -9.78 56.54
C ASP F 152 -50.07 -10.67 57.33
N ASN F 153 -49.51 -11.68 56.66
CA ASN F 153 -48.45 -12.54 57.17
C ASN F 153 -48.06 -13.48 56.03
N ALA F 154 -48.82 -13.40 54.94
CA ALA F 154 -48.62 -14.26 53.78
C ALA F 154 -47.35 -13.86 53.07
N LEU F 155 -46.23 -14.44 53.51
CA LEU F 155 -44.97 -14.34 52.79
C LEU F 155 -45.20 -14.74 51.34
N GLN F 156 -44.79 -13.87 50.42
CA GLN F 156 -45.09 -14.05 49.01
C GLN F 156 -43.77 -14.29 48.26
N SER F 157 -43.63 -15.48 47.70
CA SER F 157 -42.42 -15.92 47.01
C SER F 157 -42.75 -16.43 45.61
N GLY F 158 -43.61 -15.72 44.88
CA GLY F 158 -44.00 -16.15 43.55
C GLY F 158 -44.10 -15.04 42.53
N ASN F 159 -44.99 -14.06 42.75
CA ASN F 159 -45.12 -12.93 41.83
C ASN F 159 -44.26 -11.75 42.24
N SER F 160 -42.98 -12.00 42.49
CA SER F 160 -42.02 -10.98 42.89
C SER F 160 -41.23 -10.51 41.68
N GLN F 161 -41.19 -9.19 41.47
CA GLN F 161 -40.52 -8.60 40.31
C GLN F 161 -39.77 -7.36 40.74
N GLU F 162 -38.47 -7.31 40.42
CA GLU F 162 -37.61 -6.21 40.82
C GLU F 162 -37.15 -5.44 39.60
N SER F 163 -36.88 -4.15 39.80
CA SER F 163 -36.49 -3.26 38.70
C SER F 163 -35.59 -2.16 39.27
N VAL F 164 -34.28 -2.32 39.14
CA VAL F 164 -33.30 -1.37 39.65
C VAL F 164 -33.05 -0.29 38.60
N THR F 165 -32.82 0.93 39.06
CA THR F 165 -32.50 2.04 38.16
C THR F 165 -30.99 2.07 37.91
N GLU F 166 -30.62 2.83 36.89
CA GLU F 166 -29.20 3.09 36.63
C GLU F 166 -28.63 3.98 37.74
N GLN F 167 -27.30 4.01 37.82
CA GLN F 167 -26.65 4.86 38.80
C GLN F 167 -26.90 6.32 38.49
N ASP F 168 -27.33 7.08 39.49
CA ASP F 168 -27.73 8.46 39.28
C ASP F 168 -26.52 9.36 39.02
N SER F 169 -26.78 10.46 38.33
CA SER F 169 -25.67 11.34 37.93
C SER F 169 -25.29 12.31 39.04
N LYS F 170 -26.26 12.82 39.80
CA LYS F 170 -25.93 13.72 40.90
C LYS F 170 -25.22 12.95 42.00
N ASP F 171 -25.99 12.34 42.89
CA ASP F 171 -25.43 11.32 43.76
C ASP F 171 -25.35 10.00 43.01
N SER F 172 -24.54 9.08 43.52
CA SER F 172 -24.32 7.83 42.80
C SER F 172 -25.06 6.66 43.45
N THR F 173 -26.36 6.82 43.67
CA THR F 173 -27.17 5.81 44.35
C THR F 173 -28.09 5.11 43.36
N TYR F 174 -28.66 4.01 43.83
CA TYR F 174 -29.59 3.19 43.06
C TYR F 174 -31.00 3.33 43.63
N SER F 175 -31.97 2.79 42.89
CA SER F 175 -33.36 2.77 43.30
C SER F 175 -34.05 1.60 42.63
N LEU F 176 -35.02 1.01 43.34
CA LEU F 176 -35.58 -0.29 42.97
C LEU F 176 -37.06 -0.33 43.33
N SER F 177 -37.78 -1.24 42.67
CA SER F 177 -39.18 -1.51 43.00
C SER F 177 -39.42 -3.00 42.99
N SER F 178 -40.04 -3.50 44.06
CA SER F 178 -40.35 -4.93 44.16
C SER F 178 -41.83 -5.16 43.98
N THR F 179 -42.35 -4.78 42.82
CA THR F 179 -43.78 -4.86 42.52
C THR F 179 -44.34 -6.24 42.81
N LEU F 180 -45.48 -6.27 43.51
CA LEU F 180 -46.23 -7.48 43.85
C LEU F 180 -47.68 -7.30 43.39
N THR F 181 -47.93 -7.69 42.15
CA THR F 181 -49.25 -7.51 41.57
C THR F 181 -50.08 -8.77 41.85
N LEU F 182 -51.25 -8.60 42.46
CA LEU F 182 -52.16 -9.69 42.76
C LEU F 182 -53.46 -9.48 41.98
N SER F 183 -54.50 -10.23 42.33
CA SER F 183 -55.83 -10.01 41.79
C SER F 183 -56.73 -9.43 42.88
N LYS F 184 -57.93 -9.00 42.47
CA LYS F 184 -58.92 -8.56 43.45
C LYS F 184 -59.28 -9.68 44.41
N ALA F 185 -59.20 -10.93 43.96
CA ALA F 185 -59.49 -12.09 44.78
C ALA F 185 -58.69 -12.07 46.07
N ASP F 186 -57.37 -12.23 45.97
CA ASP F 186 -56.53 -12.22 47.17
C ASP F 186 -56.40 -10.84 47.79
N TYR F 187 -56.81 -9.79 47.09
CA TYR F 187 -56.84 -8.46 47.72
C TYR F 187 -57.86 -8.43 48.85
N GLU F 188 -59.02 -9.06 48.65
CA GLU F 188 -60.04 -9.16 49.67
C GLU F 188 -59.81 -10.28 50.67
N LYS F 189 -58.75 -11.07 50.50
CA LYS F 189 -58.47 -12.16 51.43
C LYS F 189 -57.61 -11.72 52.61
N HIS F 190 -56.78 -10.69 52.44
CA HIS F 190 -55.93 -10.14 53.49
C HIS F 190 -55.74 -8.64 53.28
N LYS F 191 -55.36 -7.94 54.36
CA LYS F 191 -55.40 -6.47 54.38
C LYS F 191 -54.06 -5.80 54.73
N VAL F 192 -53.27 -6.34 55.66
CA VAL F 192 -51.99 -5.71 55.97
C VAL F 192 -51.00 -6.05 54.86
N TYR F 193 -50.53 -5.03 54.15
CA TYR F 193 -49.48 -5.20 53.14
C TYR F 193 -48.24 -4.47 53.61
N ALA F 194 -47.16 -5.22 53.89
CA ALA F 194 -45.89 -4.62 54.26
C ALA F 194 -44.77 -5.21 53.45
N CYS F 195 -43.95 -4.32 52.92
CA CYS F 195 -42.69 -4.68 52.32
C CYS F 195 -41.59 -4.60 53.37
N GLU F 196 -40.95 -5.74 53.67
CA GLU F 196 -39.76 -5.79 54.50
C GLU F 196 -38.56 -5.67 53.58
N VAL F 197 -37.72 -4.66 53.79
CA VAL F 197 -36.48 -4.60 53.03
C VAL F 197 -35.31 -4.53 53.98
N THR F 198 -34.21 -5.13 53.53
CA THR F 198 -32.98 -5.31 54.30
C THR F 198 -31.82 -4.83 53.45
N HIS F 199 -30.94 -4.04 54.05
CA HIS F 199 -29.89 -3.36 53.32
C HIS F 199 -28.76 -3.05 54.29
N GLN F 200 -27.54 -3.01 53.77
CA GLN F 200 -26.36 -2.81 54.61
C GLN F 200 -26.45 -1.51 55.42
N GLY F 201 -27.09 -0.48 54.87
CA GLY F 201 -27.24 0.78 55.55
C GLY F 201 -27.98 0.71 56.87
N LEU F 202 -29.25 0.30 56.81
CA LEU F 202 -30.03 0.16 58.04
C LEU F 202 -29.40 -0.88 58.95
N SER F 203 -29.36 -0.58 60.24
CA SER F 203 -28.74 -1.48 61.21
C SER F 203 -29.42 -2.85 61.21
N SER F 204 -30.73 -2.86 61.44
CA SER F 204 -31.56 -4.04 61.38
C SER F 204 -32.73 -3.73 60.46
N PRO F 205 -33.35 -4.77 59.84
CA PRO F 205 -34.28 -4.53 58.72
C PRO F 205 -35.36 -3.47 58.93
N VAL F 206 -35.88 -2.94 57.81
CA VAL F 206 -36.91 -1.91 57.81
C VAL F 206 -38.17 -2.47 57.12
N THR F 207 -39.32 -1.86 57.43
CA THR F 207 -40.60 -2.30 56.87
C THR F 207 -41.53 -1.12 56.69
N LYS F 208 -42.29 -1.14 55.61
CA LYS F 208 -43.40 -0.19 55.46
C LYS F 208 -44.67 -0.93 55.07
N SER F 209 -45.77 -0.56 55.71
CA SER F 209 -47.05 -1.21 55.49
C SER F 209 -48.14 -0.19 55.25
N PHE F 210 -49.17 -0.64 54.53
CA PHE F 210 -50.48 0.01 54.48
C PHE F 210 -51.55 -1.04 54.78
N ASN F 211 -52.67 -0.61 55.34
CA ASN F 211 -53.83 -1.46 55.48
C ASN F 211 -54.97 -0.95 54.62
N ARG F 212 -55.74 -1.89 54.10
CA ARG F 212 -56.56 -1.69 52.93
C ARG F 212 -57.49 -0.50 53.10
N GLY F 213 -57.74 0.19 51.99
CA GLY F 213 -58.50 1.42 52.01
C GLY F 213 -57.61 2.62 52.32
#